data_8SMP
#
_entry.id   8SMP
#
_cell.length_a   1.00
_cell.length_b   1.00
_cell.length_c   1.00
_cell.angle_alpha   90.00
_cell.angle_beta   90.00
_cell.angle_gamma   90.00
#
_symmetry.space_group_name_H-M   'P 1'
#
loop_
_entity.id
_entity.type
_entity.pdbx_description
1 polymer 'Hyaluronan synthase 1'
2 polymer 'Fab15 heavy chain'
3 polymer 'Fab15 light chain'
4 non-polymer "URIDINE-5'-DIPHOSPHATE"
5 non-polymer 'MAGNESIUM ION'
#
loop_
_entity_poly.entity_id
_entity_poly.type
_entity_poly.pdbx_seq_one_letter_code
_entity_poly.pdbx_strand_id
1 'polypeptide(L)'
;MHHHHHHHHHHHHMKEKAAETMEIPEGIPKDLEPKHPTLWRIIYYSFGVVLLATITAAYVAEFQVLKHEAILFSLGLYGL
AMLLHLMMQSLFAFLEIRRVNKSELPCSFKKTVALTIAGYQENPEYLIKCLESCKYVKYPKDKLKIILVIDGNTEDDAYM
MEMFKDVFHGEDVGTYVWKGNYHTVKKPEETNKGSCPEVSKPLNEDEGINMVEELVRNKRCVCIMQQWGGKREVMYTAFQ
AIGTSVDYVQVCDSDTKLDELATVEMVKVLESNDMYGAVGGDVRILNPYDSFISFMSSLRYWMAFNVERACQSYFDCVSC
ISGPLGMYRNNILQVFLEAWYRQKFLGTYCTLGDDRHLTNRVLSMGYRTKYTHKSRAFSETPSLYLRWLNQQTRWTKSYF
REWLYNAQWWHKHHIWMTYESVVSFIFPFFITATVIRLIYAGTIWNVVWLLLCIQIMSLFKSIYACWLRGNFIMLLMSLY
SMLYMTGLLPSKYFALLTLNKTGWGTSGRKKIVGNYMPILPLSIWAAVLCGGVGYSIYMDCQNDWSTPEKQKEMYHLLYG
CVGYVMYWVIMAVMYWVWVKRCCRKRSQTVTLVHDIPDMCV
;
A
2 'polypeptide(L)'
;EISEVQLVESGGGLVQPGGSLRLSCAASGFNVSSYYIHWVRQAPGKGLEWVASISSSSGSTSYADSVKGRFTISADTSKN
TAYLQMNSLRAEDTAVYYCARSGYYWGPYFGGFDYWGQGTLVTVSSASTKGPSVFPLAPSSKSTSGGTAALGCLVKDYFP
EPVTVSWNSGALTSGVHTFPAVLQSSGLYSLSSVVTVPSSSLGTQTYICNVNHKPSNTKVDKKVEPKSCDKTHT
;
H
3 'polypeptide(L)'
;SDIQMTQSPSSLSASVGDRVTITCRASQSVSSAVAWYQQKPGKAPKLLIYSASSLYSGVPSRFSGSRSGTDFTLTISSLQ
PEDFATYYCQQSSSSLITFGQGTKVEIKRTVAAPSVFIFPPSDSQLKSGTASVVCLLNNFYPREAKVQWKVDNALQSGNS
QESVTEQDSKDSTYSLSSTLTLSKADYEKHKVYACEVTHQGLSSPVTKSFNRGEC
;
L
#
loop_
_chem_comp.id
_chem_comp.type
_chem_comp.name
_chem_comp.formula
MG non-polymer 'MAGNESIUM ION' 'Mg 2'
UDP RNA linking URIDINE-5'-DIPHOSPHATE 'C9 H14 N2 O12 P2'
#
# COMPACT_ATOMS: atom_id res chain seq x y z
N ILE A 28 15.38 9.40 -11.76
CA ILE A 28 15.71 10.45 -10.80
C ILE A 28 16.29 9.89 -9.49
N PRO A 29 15.66 8.88 -8.88
CA PRO A 29 16.26 8.30 -7.66
C PRO A 29 17.51 7.52 -7.99
N LYS A 30 18.65 7.99 -7.47
CA LYS A 30 19.92 7.33 -7.73
C LYS A 30 19.98 5.98 -7.02
N ASP A 31 20.57 5.00 -7.72
CA ASP A 31 20.72 3.66 -7.17
C ASP A 31 21.81 3.68 -6.09
N LEU A 32 21.40 3.58 -4.84
CA LEU A 32 22.35 3.61 -3.74
C LEU A 32 23.22 2.37 -3.76
N GLU A 33 24.50 2.56 -3.40
CA GLU A 33 25.48 1.49 -3.41
C GLU A 33 26.56 1.82 -2.41
N PRO A 34 27.10 0.83 -1.69
CA PRO A 34 28.20 1.11 -0.75
C PRO A 34 29.42 1.65 -1.48
N LYS A 35 30.36 2.17 -0.68
CA LYS A 35 31.51 2.88 -1.24
C LYS A 35 32.40 1.94 -2.04
N HIS A 36 32.61 0.72 -1.51
CA HIS A 36 33.54 -0.23 -2.16
C HIS A 36 32.96 -1.64 -2.15
N PRO A 37 32.78 -2.31 -3.31
CA PRO A 37 32.35 -3.71 -3.34
C PRO A 37 33.62 -4.56 -3.15
N THR A 38 33.49 -5.88 -3.21
CA THR A 38 34.66 -6.79 -3.02
C THR A 38 35.34 -6.48 -1.68
N LEU A 39 34.81 -5.53 -0.92
CA LEU A 39 35.34 -5.24 0.40
C LEU A 39 34.30 -5.41 1.50
N TRP A 40 33.02 -5.23 1.18
CA TRP A 40 31.91 -5.59 2.06
C TRP A 40 31.28 -6.91 1.67
N ARG A 41 31.15 -7.17 0.37
CA ARG A 41 30.57 -8.42 -0.10
C ARG A 41 31.37 -9.62 0.39
N ILE A 42 32.69 -9.56 0.23
CA ILE A 42 33.54 -10.68 0.63
C ILE A 42 33.46 -10.91 2.13
N ILE A 43 33.51 -9.84 2.92
CA ILE A 43 33.44 -9.97 4.38
C ILE A 43 32.11 -10.56 4.81
N TYR A 44 31.01 -10.08 4.22
CA TYR A 44 29.70 -10.59 4.62
C TYR A 44 29.52 -12.06 4.21
N TYR A 45 29.98 -12.43 3.01
CA TYR A 45 29.89 -13.82 2.59
C TYR A 45 30.75 -14.72 3.47
N SER A 46 31.95 -14.25 3.82
CA SER A 46 32.81 -15.01 4.71
C SER A 46 32.19 -15.16 6.10
N PHE A 47 31.55 -14.10 6.59
CA PHE A 47 30.87 -14.19 7.88
C PHE A 47 29.75 -15.21 7.85
N GLY A 48 28.95 -15.21 6.77
CA GLY A 48 27.89 -16.20 6.65
C GLY A 48 28.42 -17.62 6.57
N VAL A 49 29.48 -17.83 5.79
CA VAL A 49 30.06 -19.16 5.67
C VAL A 49 30.64 -19.61 7.01
N VAL A 50 31.32 -18.71 7.72
CA VAL A 50 31.90 -19.03 9.02
C VAL A 50 30.81 -19.38 10.02
N LEU A 51 29.72 -18.60 10.03
CA LEU A 51 28.62 -18.89 10.94
C LEU A 51 28.01 -20.25 10.64
N LEU A 52 27.75 -20.54 9.36
CA LEU A 52 27.18 -21.83 9.01
C LEU A 52 28.12 -22.97 9.40
N ALA A 53 29.41 -22.82 9.13
CA ALA A 53 30.38 -23.87 9.45
C ALA A 53 30.47 -24.08 10.96
N THR A 54 30.47 -22.99 11.74
CA THR A 54 30.55 -23.12 13.19
C THR A 54 29.32 -23.81 13.75
N ILE A 55 28.12 -23.43 13.28
CA ILE A 55 26.90 -24.05 13.77
C ILE A 55 26.87 -25.53 13.39
N THR A 56 27.25 -25.85 12.15
CA THR A 56 27.28 -27.25 11.73
C THR A 56 28.29 -28.05 12.54
N ALA A 57 29.48 -27.48 12.78
CA ALA A 57 30.49 -28.18 13.55
C ALA A 57 30.03 -28.44 14.98
N ALA A 58 29.37 -27.44 15.60
CA ALA A 58 28.84 -27.65 16.94
C ALA A 58 27.76 -28.75 16.93
N TYR A 59 26.91 -28.75 15.89
CA TYR A 59 25.87 -29.77 15.80
C TYR A 59 26.46 -31.17 15.68
N VAL A 60 27.45 -31.35 14.81
CA VAL A 60 28.07 -32.67 14.66
C VAL A 60 28.84 -33.05 15.92
N ALA A 61 29.47 -32.09 16.58
CA ALA A 61 30.16 -32.39 17.82
C ALA A 61 29.19 -32.89 18.88
N GLU A 62 28.03 -32.23 19.01
CA GLU A 62 27.02 -32.70 19.95
C GLU A 62 26.49 -34.07 19.55
N PHE A 63 26.31 -34.30 18.25
CA PHE A 63 25.78 -35.58 17.77
C PHE A 63 26.74 -36.73 18.05
N GLN A 64 28.04 -36.51 17.86
CA GLN A 64 29.01 -37.59 17.96
C GLN A 64 29.62 -37.73 19.35
N VAL A 65 29.54 -36.71 20.18
CA VAL A 65 30.09 -36.79 21.54
C VAL A 65 29.45 -35.73 22.43
N ILE A 71 22.08 -36.34 26.54
CA ILE A 71 20.81 -36.04 25.90
C ILE A 71 20.20 -34.78 26.50
N LEU A 72 20.32 -34.62 27.82
CA LEU A 72 19.77 -33.45 28.50
C LEU A 72 20.60 -32.21 28.22
N PHE A 73 21.93 -32.34 28.25
CA PHE A 73 22.79 -31.17 28.16
C PHE A 73 22.84 -30.62 26.74
N SER A 74 22.75 -31.48 25.73
CA SER A 74 22.74 -31.00 24.35
C SER A 74 21.47 -30.20 24.06
N LEU A 75 20.31 -30.75 24.46
CA LEU A 75 19.05 -30.03 24.30
C LEU A 75 19.06 -28.74 25.11
N GLY A 76 19.66 -28.77 26.30
CA GLY A 76 19.79 -27.55 27.08
C GLY A 76 20.63 -26.50 26.38
N LEU A 77 21.74 -26.92 25.75
CA LEU A 77 22.58 -25.98 25.02
C LEU A 77 21.82 -25.37 23.85
N TYR A 78 21.06 -26.19 23.12
CA TYR A 78 20.22 -25.66 22.05
C TYR A 78 19.21 -24.65 22.60
N GLY A 79 18.63 -24.96 23.76
CA GLY A 79 17.68 -24.05 24.38
C GLY A 79 18.30 -22.72 24.76
N LEU A 80 19.51 -22.75 25.34
CA LEU A 80 20.19 -21.50 25.67
C LEU A 80 20.57 -20.71 24.44
N ALA A 81 20.96 -21.38 23.35
CA ALA A 81 21.25 -20.65 22.11
C ALA A 81 19.99 -19.94 21.60
N MET A 82 18.86 -20.66 21.56
CA MET A 82 17.61 -20.04 21.15
C MET A 82 17.22 -18.90 22.08
N LEU A 83 17.43 -19.08 23.39
CA LEU A 83 17.09 -18.05 24.36
C LEU A 83 17.93 -16.80 24.13
N LEU A 84 19.23 -16.96 23.89
CA LEU A 84 20.10 -15.80 23.65
C LEU A 84 19.68 -15.08 22.38
N HIS A 85 19.33 -15.83 21.33
CA HIS A 85 18.80 -15.20 20.12
C HIS A 85 17.55 -14.40 20.42
N LEU A 86 16.65 -14.96 21.24
CA LEU A 86 15.42 -14.26 21.58
C LEU A 86 15.70 -12.98 22.38
N MET A 87 16.63 -13.03 23.33
CA MET A 87 16.97 -11.83 24.09
C MET A 87 17.54 -10.75 23.19
N MET A 88 18.42 -11.13 22.26
CA MET A 88 18.97 -10.14 21.34
C MET A 88 17.86 -9.49 20.50
N GLN A 89 16.97 -10.32 19.93
CA GLN A 89 15.90 -9.79 19.11
C GLN A 89 14.97 -8.88 19.91
N SER A 90 14.60 -9.31 21.12
CA SER A 90 13.68 -8.53 21.94
C SER A 90 14.31 -7.24 22.41
N LEU A 91 15.60 -7.26 22.74
CA LEU A 91 16.28 -6.02 23.12
C LEU A 91 16.31 -5.03 21.96
N PHE A 92 16.64 -5.50 20.76
CA PHE A 92 16.66 -4.60 19.61
C PHE A 92 15.26 -4.06 19.32
N ALA A 93 14.23 -4.92 19.42
CA ALA A 93 12.87 -4.47 19.19
C ALA A 93 12.43 -3.43 20.21
N PHE A 94 12.78 -3.64 21.49
CA PHE A 94 12.44 -2.68 22.52
C PHE A 94 13.14 -1.34 22.29
N LEU A 95 14.41 -1.38 21.89
CA LEU A 95 15.12 -0.15 21.59
C LEU A 95 14.46 0.60 20.44
N GLU A 96 14.08 -0.12 19.39
CA GLU A 96 13.41 0.52 18.25
C GLU A 96 12.07 1.11 18.66
N ILE A 97 11.29 0.38 19.46
CA ILE A 97 9.98 0.86 19.89
C ILE A 97 10.13 2.12 20.73
N ARG A 98 11.09 2.13 21.65
CA ARG A 98 11.31 3.31 22.47
C ARG A 98 11.77 4.49 21.64
N ARG A 99 12.64 4.23 20.66
CA ARG A 99 13.09 5.31 19.77
C ARG A 99 11.93 5.90 18.98
N VAL A 100 11.05 5.04 18.45
CA VAL A 100 9.91 5.53 17.68
C VAL A 100 8.96 6.32 18.57
N ASN A 101 8.67 5.80 19.77
CA ASN A 101 7.74 6.48 20.67
C ASN A 101 8.29 7.83 21.14
N LYS A 102 9.57 7.88 21.48
CA LYS A 102 10.15 9.12 21.99
C LYS A 102 10.24 10.18 20.89
N SER A 103 10.69 9.79 19.70
CA SER A 103 10.83 10.75 18.61
C SER A 103 9.48 11.11 18.02
N GLU A 104 9.25 12.40 17.84
CA GLU A 104 8.02 12.89 17.24
C GLU A 104 8.31 14.15 16.44
N LEU A 105 7.49 14.39 15.42
CA LEU A 105 7.67 15.53 14.54
C LEU A 105 6.36 15.81 13.81
N PRO A 106 5.83 17.04 13.90
CA PRO A 106 4.55 17.34 13.25
C PRO A 106 4.64 17.18 11.74
N CYS A 107 3.56 16.67 11.15
CA CYS A 107 3.52 16.34 9.73
C CYS A 107 2.84 17.46 8.96
N SER A 108 3.46 17.86 7.85
CA SER A 108 2.85 18.81 6.92
C SER A 108 2.12 18.02 5.83
N PHE A 109 0.80 18.19 5.76
CA PHE A 109 -0.03 17.42 4.83
C PHE A 109 0.17 17.99 3.42
N LYS A 110 1.32 17.68 2.84
CA LYS A 110 1.68 18.14 1.51
C LYS A 110 2.07 17.04 0.55
N LYS A 111 2.08 15.78 1.00
CA LYS A 111 2.47 14.65 0.17
C LYS A 111 1.24 13.85 -0.22
N THR A 112 1.05 13.65 -1.53
CA THR A 112 -0.07 12.89 -2.03
C THR A 112 0.13 11.39 -1.79
N VAL A 113 -0.96 10.71 -1.46
CA VAL A 113 -0.95 9.27 -1.19
C VAL A 113 -2.00 8.61 -2.07
N ALA A 114 -1.65 7.48 -2.68
CA ALA A 114 -2.56 6.74 -3.54
C ALA A 114 -2.72 5.32 -2.98
N LEU A 115 -3.93 5.00 -2.53
CA LEU A 115 -4.25 3.67 -2.02
C LEU A 115 -4.75 2.80 -3.16
N THR A 116 -4.01 1.73 -3.44
CA THR A 116 -4.33 0.79 -4.51
C THR A 116 -4.81 -0.52 -3.88
N ILE A 117 -6.01 -0.95 -4.29
CA ILE A 117 -6.66 -2.14 -3.76
C ILE A 117 -6.95 -3.08 -4.92
N ALA A 118 -6.82 -4.39 -4.66
CA ALA A 118 -7.10 -5.42 -5.65
C ALA A 118 -8.11 -6.40 -5.11
N GLY A 119 -9.09 -6.77 -5.92
CA GLY A 119 -10.14 -7.69 -5.49
C GLY A 119 -10.42 -8.75 -6.54
N TYR A 120 -10.33 -10.01 -6.13
CA TYR A 120 -10.59 -11.12 -7.03
C TYR A 120 -12.02 -11.60 -6.85
N GLN A 121 -12.37 -12.20 -5.71
CA GLN A 121 -13.73 -12.70 -5.47
C GLN A 121 -14.10 -12.46 -4.00
N GLU A 122 -13.80 -11.26 -3.50
CA GLU A 122 -13.92 -11.00 -2.07
C GLU A 122 -15.36 -11.05 -1.59
N ASN A 123 -15.53 -11.42 -0.33
CA ASN A 123 -16.84 -11.42 0.29
C ASN A 123 -17.37 -9.99 0.36
N PRO A 124 -18.66 -9.77 0.13
CA PRO A 124 -19.19 -8.40 0.18
C PRO A 124 -18.96 -7.69 1.51
N GLU A 125 -18.98 -8.45 2.61
CA GLU A 125 -18.78 -7.85 3.93
C GLU A 125 -17.36 -7.31 4.08
N TYR A 126 -16.36 -8.12 3.76
CA TYR A 126 -14.98 -7.66 3.86
C TYR A 126 -14.72 -6.49 2.91
N LEU A 127 -15.26 -6.57 1.68
CA LEU A 127 -15.06 -5.50 0.72
C LEU A 127 -15.68 -4.20 1.21
N ILE A 128 -16.90 -4.26 1.77
CA ILE A 128 -17.55 -3.05 2.25
C ILE A 128 -16.82 -2.49 3.45
N LYS A 129 -16.30 -3.37 4.33
CA LYS A 129 -15.53 -2.88 5.47
C LYS A 129 -14.26 -2.18 5.01
N CYS A 130 -13.57 -2.76 4.03
CA CYS A 130 -12.36 -2.12 3.49
C CYS A 130 -12.68 -0.79 2.84
N LEU A 131 -13.78 -0.73 2.10
CA LEU A 131 -14.15 0.51 1.42
C LEU A 131 -14.48 1.62 2.42
N GLU A 132 -15.25 1.29 3.45
CA GLU A 132 -15.56 2.30 4.47
C GLU A 132 -14.31 2.74 5.22
N SER A 133 -13.42 1.79 5.54
CA SER A 133 -12.18 2.14 6.22
C SER A 133 -11.32 3.06 5.37
N CYS A 134 -11.22 2.78 4.07
CA CYS A 134 -10.46 3.65 3.18
C CYS A 134 -11.10 5.03 3.07
N LYS A 135 -12.43 5.08 2.99
CA LYS A 135 -13.11 6.36 2.88
C LYS A 135 -12.91 7.21 4.13
N TYR A 136 -12.96 6.59 5.31
CA TYR A 136 -12.89 7.33 6.57
C TYR A 136 -11.46 7.48 7.09
N VAL A 137 -10.46 7.44 6.22
CA VAL A 137 -9.08 7.66 6.63
C VAL A 137 -8.89 9.13 6.99
N LYS A 138 -8.29 9.39 8.15
CA LYS A 138 -8.07 10.75 8.64
C LYS A 138 -6.91 11.38 7.86
N TYR A 139 -7.15 11.60 6.58
CA TYR A 139 -6.20 12.26 5.70
C TYR A 139 -6.95 13.24 4.81
N PRO A 140 -6.31 14.34 4.40
CA PRO A 140 -6.99 15.29 3.52
C PRO A 140 -7.45 14.63 2.22
N LYS A 141 -8.63 15.01 1.76
CA LYS A 141 -9.21 14.40 0.57
C LYS A 141 -8.54 14.88 -0.71
N ASP A 142 -7.90 16.05 -0.69
CA ASP A 142 -7.20 16.55 -1.87
C ASP A 142 -5.80 15.96 -2.02
N LYS A 143 -5.33 15.22 -1.01
CA LYS A 143 -4.03 14.57 -1.07
C LYS A 143 -4.15 13.05 -1.06
N LEU A 144 -5.35 12.51 -1.22
CA LEU A 144 -5.58 11.07 -1.13
C LEU A 144 -6.38 10.61 -2.34
N LYS A 145 -5.87 9.60 -3.05
CA LYS A 145 -6.54 9.06 -4.23
C LYS A 145 -6.70 7.56 -4.06
N ILE A 146 -7.92 7.06 -4.28
CA ILE A 146 -8.27 5.67 -4.07
C ILE A 146 -8.50 5.01 -5.43
N ILE A 147 -7.81 3.90 -5.67
CA ILE A 147 -7.93 3.15 -6.92
C ILE A 147 -8.17 1.68 -6.57
N LEU A 148 -9.16 1.08 -7.23
CA LEU A 148 -9.50 -0.33 -7.04
C LEU A 148 -9.47 -1.04 -8.38
N VAL A 149 -8.88 -2.23 -8.39
CA VAL A 149 -8.76 -3.06 -9.58
C VAL A 149 -9.42 -4.40 -9.32
N ILE A 150 -10.32 -4.80 -10.20
CA ILE A 150 -11.08 -6.04 -10.08
C ILE A 150 -10.49 -7.05 -11.05
N ASP A 151 -10.15 -8.24 -10.54
CA ASP A 151 -9.53 -9.29 -11.32
C ASP A 151 -10.65 -10.11 -11.95
N GLY A 152 -11.21 -9.56 -13.02
CA GLY A 152 -12.31 -10.20 -13.72
C GLY A 152 -13.24 -9.20 -14.36
N ASN A 153 -13.62 -9.44 -15.62
CA ASN A 153 -14.48 -8.53 -16.36
C ASN A 153 -15.79 -9.18 -16.79
N THR A 154 -16.11 -10.36 -16.26
CA THR A 154 -17.34 -11.06 -16.61
C THR A 154 -18.51 -10.44 -15.84
N GLU A 155 -19.69 -11.05 -15.96
CA GLU A 155 -20.87 -10.56 -15.27
C GLU A 155 -20.90 -10.95 -13.79
N ASP A 156 -19.97 -11.80 -13.35
CA ASP A 156 -19.92 -12.23 -11.96
C ASP A 156 -19.06 -11.34 -11.09
N ASP A 157 -18.47 -10.28 -11.65
CA ASP A 157 -17.63 -9.36 -10.90
C ASP A 157 -18.16 -7.94 -10.90
N ALA A 158 -19.31 -7.68 -11.51
CA ALA A 158 -19.86 -6.32 -11.54
C ALA A 158 -20.33 -5.85 -10.18
N TYR A 159 -20.57 -6.78 -9.24
CA TYR A 159 -21.05 -6.38 -7.92
C TYR A 159 -20.00 -5.57 -7.16
N MET A 160 -18.72 -5.90 -7.32
CA MET A 160 -17.68 -5.11 -6.67
C MET A 160 -17.66 -3.67 -7.18
N MET A 161 -17.78 -3.48 -8.49
CA MET A 161 -17.90 -2.13 -9.03
C MET A 161 -19.17 -1.44 -8.54
N GLU A 162 -20.26 -2.20 -8.39
CA GLU A 162 -21.50 -1.62 -7.86
C GLU A 162 -21.29 -1.07 -6.46
N MET A 163 -20.66 -1.86 -5.58
CA MET A 163 -20.39 -1.38 -4.23
C MET A 163 -19.43 -0.19 -4.24
N PHE A 164 -18.42 -0.23 -5.11
CA PHE A 164 -17.49 0.90 -5.18
C PHE A 164 -18.19 2.18 -5.61
N LYS A 165 -19.10 2.09 -6.59
CA LYS A 165 -19.87 3.25 -7.00
C LYS A 165 -20.78 3.73 -5.89
N ASP A 166 -21.41 2.79 -5.17
CA ASP A 166 -22.32 3.17 -4.08
C ASP A 166 -21.59 3.89 -2.96
N VAL A 167 -20.38 3.45 -2.64
CA VAL A 167 -19.64 4.04 -1.52
C VAL A 167 -19.17 5.45 -1.88
N PHE A 168 -18.44 5.57 -2.98
CA PHE A 168 -17.89 6.87 -3.40
C PHE A 168 -18.84 7.54 -4.41
N HIS A 169 -20.08 7.73 -3.98
CA HIS A 169 -21.08 8.32 -4.87
C HIS A 169 -20.87 9.83 -5.02
N GLY A 170 -20.57 10.52 -3.93
CA GLY A 170 -20.45 11.96 -3.95
C GLY A 170 -19.09 12.52 -4.32
N GLU A 171 -18.14 11.67 -4.68
CA GLU A 171 -16.80 12.10 -5.03
C GLU A 171 -16.59 11.99 -6.54
N ASP A 172 -15.42 12.41 -6.99
CA ASP A 172 -15.05 12.33 -8.41
C ASP A 172 -14.69 10.87 -8.70
N VAL A 173 -15.71 10.09 -9.04
CA VAL A 173 -15.58 8.65 -9.23
C VAL A 173 -15.59 8.34 -10.72
N GLY A 174 -14.68 7.48 -11.14
CA GLY A 174 -14.61 7.03 -12.52
C GLY A 174 -14.41 5.53 -12.62
N THR A 175 -15.27 4.86 -13.36
CA THR A 175 -15.27 3.41 -13.46
C THR A 175 -15.13 2.97 -14.90
N TYR A 176 -14.39 1.88 -15.12
CA TYR A 176 -14.16 1.35 -16.46
C TYR A 176 -14.14 -0.17 -16.42
N VAL A 177 -14.57 -0.78 -17.52
CA VAL A 177 -14.60 -2.23 -17.67
C VAL A 177 -13.68 -2.57 -18.84
N TRP A 178 -12.42 -2.86 -18.54
CA TRP A 178 -11.46 -3.20 -19.58
C TRP A 178 -11.70 -4.62 -20.10
N LYS A 179 -11.50 -4.80 -21.40
CA LYS A 179 -11.62 -6.11 -22.04
C LYS A 179 -10.30 -6.86 -22.09
N GLY A 180 -9.27 -6.37 -21.40
CA GLY A 180 -7.99 -7.02 -21.41
C GLY A 180 -7.07 -6.43 -20.37
N ASN A 181 -5.80 -6.80 -20.45
CA ASN A 181 -4.78 -6.31 -19.53
C ASN A 181 -3.69 -5.59 -20.33
N TYR A 182 -2.64 -5.17 -19.62
CA TYR A 182 -1.51 -4.51 -20.26
C TYR A 182 -0.67 -5.48 -21.09
N HIS A 183 -0.88 -6.79 -20.96
CA HIS A 183 -0.10 -7.80 -21.67
C HIS A 183 -1.03 -8.75 -22.40
N THR A 184 -2.03 -8.20 -23.10
CA THR A 184 -2.97 -9.01 -23.85
C THR A 184 -2.85 -8.71 -25.35
N GLU A 207 -6.73 2.65 -27.61
CA GLU A 207 -7.52 1.57 -27.02
C GLU A 207 -7.88 1.88 -25.57
N GLY A 208 -8.07 0.83 -24.77
CA GLY A 208 -8.45 1.01 -23.38
C GLY A 208 -7.34 1.53 -22.49
N ILE A 209 -6.08 1.43 -22.94
CA ILE A 209 -4.96 1.89 -22.13
C ILE A 209 -5.06 3.39 -21.88
N ASN A 210 -5.36 4.16 -22.93
CA ASN A 210 -5.46 5.61 -22.78
C ASN A 210 -6.58 5.98 -21.83
N MET A 211 -7.74 5.34 -21.98
CA MET A 211 -8.87 5.64 -21.09
C MET A 211 -8.54 5.30 -19.65
N VAL A 212 -7.92 4.15 -19.42
CA VAL A 212 -7.58 3.75 -18.06
C VAL A 212 -6.60 4.73 -17.43
N GLU A 213 -5.55 5.09 -18.18
CA GLU A 213 -4.55 6.01 -17.65
C GLU A 213 -5.16 7.38 -17.38
N GLU A 214 -5.99 7.88 -18.29
CA GLU A 214 -6.61 9.18 -18.10
C GLU A 214 -7.54 9.18 -16.88
N LEU A 215 -8.35 8.13 -16.73
CA LEU A 215 -9.24 8.05 -15.58
C LEU A 215 -8.46 7.97 -14.28
N VAL A 216 -7.38 7.20 -14.27
CA VAL A 216 -6.61 7.04 -13.03
C VAL A 216 -5.91 8.35 -12.66
N ARG A 217 -5.28 9.00 -13.64
CA ARG A 217 -4.47 10.18 -13.35
C ARG A 217 -5.29 11.46 -13.22
N ASN A 218 -6.54 11.47 -13.66
CA ASN A 218 -7.34 12.70 -13.64
C ASN A 218 -8.49 12.66 -12.65
N LYS A 219 -8.68 11.58 -11.91
CA LYS A 219 -9.80 11.45 -10.99
C LYS A 219 -9.31 10.92 -9.65
N ARG A 220 -10.09 11.20 -8.61
CA ARG A 220 -9.72 10.81 -7.26
C ARG A 220 -10.04 9.33 -7.01
N CYS A 221 -11.31 8.95 -7.13
CA CYS A 221 -11.73 7.57 -6.93
C CYS A 221 -11.85 6.90 -8.30
N VAL A 222 -11.14 5.79 -8.48
CA VAL A 222 -11.11 5.08 -9.75
C VAL A 222 -11.37 3.59 -9.49
N CYS A 223 -12.18 2.99 -10.35
CA CYS A 223 -12.43 1.55 -10.33
C CYS A 223 -12.27 1.00 -11.73
N ILE A 224 -11.45 -0.04 -11.87
CA ILE A 224 -11.16 -0.64 -13.18
C ILE A 224 -11.32 -2.15 -13.06
N MET A 225 -12.16 -2.73 -13.93
CA MET A 225 -12.14 -4.17 -14.10
C MET A 225 -11.08 -4.55 -15.13
N GLN A 226 -10.59 -5.78 -15.04
CA GLN A 226 -9.68 -6.27 -16.06
C GLN A 226 -9.77 -7.79 -16.14
N GLN A 227 -9.30 -8.33 -17.27
CA GLN A 227 -9.35 -9.76 -17.50
C GLN A 227 -8.47 -10.50 -16.50
N TRP A 228 -8.81 -11.77 -16.26
CA TRP A 228 -8.14 -12.55 -15.23
C TRP A 228 -6.66 -12.73 -15.55
N GLY A 229 -5.81 -12.27 -14.64
CA GLY A 229 -4.37 -12.44 -14.79
C GLY A 229 -3.66 -12.67 -13.47
N GLY A 230 -4.43 -12.86 -12.39
CA GLY A 230 -3.86 -13.04 -11.08
C GLY A 230 -3.61 -11.73 -10.36
N LYS A 231 -3.06 -11.85 -9.16
CA LYS A 231 -2.76 -10.67 -8.35
C LYS A 231 -1.62 -9.83 -8.93
N ARG A 232 -0.74 -10.44 -9.73
CA ARG A 232 0.34 -9.68 -10.36
C ARG A 232 -0.22 -8.69 -11.38
N GLU A 233 -1.21 -9.11 -12.16
CA GLU A 233 -1.72 -8.27 -13.23
C GLU A 233 -2.41 -7.02 -12.69
N VAL A 234 -3.26 -7.17 -11.67
CA VAL A 234 -3.97 -6.02 -11.12
C VAL A 234 -2.99 -5.04 -10.49
N MET A 235 -2.00 -5.54 -9.74
CA MET A 235 -1.01 -4.66 -9.13
C MET A 235 -0.20 -3.94 -10.19
N TYR A 236 0.21 -4.65 -11.25
CA TYR A 236 0.97 -4.01 -12.32
C TYR A 236 0.13 -2.94 -13.01
N THR A 237 -1.14 -3.22 -13.27
CA THR A 237 -2.00 -2.25 -13.92
C THR A 237 -2.15 -1.00 -13.06
N ALA A 238 -2.38 -1.18 -11.75
CA ALA A 238 -2.51 -0.03 -10.86
C ALA A 238 -1.22 0.79 -10.82
N PHE A 239 -0.08 0.12 -10.68
CA PHE A 239 1.19 0.82 -10.58
C PHE A 239 1.51 1.56 -11.88
N GLN A 240 1.25 0.93 -13.02
CA GLN A 240 1.51 1.58 -14.31
C GLN A 240 0.59 2.78 -14.50
N ALA A 241 -0.69 2.65 -14.14
CA ALA A 241 -1.61 3.77 -14.28
C ALA A 241 -1.33 4.89 -13.30
N ILE A 242 -0.65 4.60 -12.19
CA ILE A 242 -0.30 5.65 -11.23
C ILE A 242 0.58 6.70 -11.89
N GLY A 243 1.61 6.26 -12.61
CA GLY A 243 2.53 7.21 -13.22
C GLY A 243 3.25 8.02 -12.18
N THR A 244 3.29 9.34 -12.39
CA THR A 244 3.92 10.27 -11.45
C THR A 244 2.90 11.18 -10.78
N SER A 245 1.65 10.75 -10.69
CA SER A 245 0.61 11.59 -10.11
C SER A 245 0.83 11.85 -8.64
N VAL A 246 1.28 10.83 -7.89
CA VAL A 246 1.39 10.90 -6.45
C VAL A 246 2.84 10.70 -6.04
N ASP A 247 3.11 10.98 -4.77
CA ASP A 247 4.43 10.79 -4.19
C ASP A 247 4.59 9.47 -3.45
N TYR A 248 3.54 8.99 -2.79
CA TYR A 248 3.55 7.74 -2.06
C TYR A 248 2.43 6.84 -2.55
N VAL A 249 2.76 5.56 -2.76
CA VAL A 249 1.78 4.57 -3.19
C VAL A 249 1.62 3.56 -2.06
N GLN A 250 0.44 3.50 -1.48
CA GLN A 250 0.11 2.53 -0.46
C GLN A 250 -0.65 1.39 -1.10
N VAL A 251 -0.27 0.16 -0.78
CA VAL A 251 -0.94 -1.03 -1.28
C VAL A 251 -1.82 -1.59 -0.18
N CYS A 252 -2.96 -2.16 -0.57
CA CYS A 252 -3.86 -2.75 0.40
C CYS A 252 -4.68 -3.84 -0.28
N ASP A 253 -4.94 -4.91 0.45
CA ASP A 253 -5.84 -5.94 -0.03
C ASP A 253 -7.29 -5.52 0.23
N SER A 254 -8.21 -6.20 -0.44
CA SER A 254 -9.62 -5.90 -0.33
C SER A 254 -10.31 -6.64 0.81
N ASP A 255 -9.53 -7.17 1.76
CA ASP A 255 -10.08 -7.76 2.98
C ASP A 255 -9.43 -7.16 4.21
N THR A 256 -8.98 -5.91 4.11
CA THR A 256 -8.22 -5.25 5.17
C THR A 256 -8.94 -3.97 5.59
N LYS A 257 -9.20 -3.84 6.89
CA LYS A 257 -9.73 -2.62 7.47
C LYS A 257 -8.59 -1.80 8.04
N LEU A 258 -8.52 -0.52 7.66
CA LEU A 258 -7.41 0.34 8.02
C LEU A 258 -7.82 1.32 9.12
N ASP A 259 -6.91 1.53 10.07
CA ASP A 259 -7.12 2.53 11.10
C ASP A 259 -7.00 3.93 10.49
N GLU A 260 -7.62 4.91 11.18
CA GLU A 260 -7.64 6.26 10.66
C GLU A 260 -6.25 6.90 10.63
N LEU A 261 -5.41 6.59 11.62
CA LEU A 261 -4.10 7.21 11.74
C LEU A 261 -2.98 6.40 11.06
N ALA A 262 -3.30 5.29 10.42
CA ALA A 262 -2.28 4.46 9.81
C ALA A 262 -1.54 5.20 8.70
N THR A 263 -2.30 5.81 7.78
CA THR A 263 -1.69 6.55 6.68
C THR A 263 -0.89 7.74 7.20
N VAL A 264 -1.41 8.45 8.20
CA VAL A 264 -0.71 9.61 8.74
C VAL A 264 0.61 9.19 9.36
N GLU A 265 0.60 8.11 10.15
CA GLU A 265 1.83 7.66 10.79
C GLU A 265 2.84 7.15 9.76
N MET A 266 2.36 6.44 8.73
CA MET A 266 3.27 5.95 7.70
C MET A 266 3.91 7.11 6.94
N VAL A 267 3.11 8.14 6.63
CA VAL A 267 3.66 9.33 5.96
C VAL A 267 4.66 10.03 6.87
N LYS A 268 4.36 10.10 8.17
CA LYS A 268 5.27 10.72 9.12
C LYS A 268 6.62 9.99 9.15
N VAL A 269 6.58 8.66 9.18
CA VAL A 269 7.82 7.90 9.28
C VAL A 269 8.56 7.89 7.94
N LEU A 270 7.86 8.06 6.82
CA LEU A 270 8.52 8.12 5.53
C LEU A 270 9.03 9.51 5.18
N GLU A 271 8.54 10.55 5.88
CA GLU A 271 8.97 11.92 5.61
C GLU A 271 10.13 12.36 6.49
N SER A 272 10.54 11.55 7.46
CA SER A 272 11.62 11.94 8.36
C SER A 272 12.96 11.96 7.63
N ASN A 273 13.26 10.91 6.88
CA ASN A 273 14.50 10.80 6.13
C ASN A 273 14.19 10.44 4.68
N ASP A 274 15.04 10.91 3.77
CA ASP A 274 14.88 10.61 2.35
C ASP A 274 15.48 9.26 1.97
N MET A 275 16.22 8.61 2.86
CA MET A 275 16.81 7.31 2.54
C MET A 275 15.78 6.20 2.53
N TYR A 276 14.71 6.33 3.32
CA TYR A 276 13.69 5.29 3.38
C TYR A 276 12.93 5.21 2.06
N GLY A 277 12.68 3.98 1.62
CA GLY A 277 11.98 3.77 0.37
C GLY A 277 10.64 3.09 0.52
N ALA A 278 10.49 2.32 1.60
CA ALA A 278 9.27 1.58 1.86
C ALA A 278 9.05 1.48 3.36
N VAL A 279 7.81 1.19 3.74
CA VAL A 279 7.44 1.04 5.15
C VAL A 279 6.22 0.13 5.23
N GLY A 280 6.06 -0.50 6.40
CA GLY A 280 4.92 -1.36 6.65
C GLY A 280 4.33 -1.07 8.02
N GLY A 281 3.14 -1.63 8.25
CA GLY A 281 2.42 -1.42 9.48
C GLY A 281 2.18 -2.72 10.23
N ASP A 282 1.46 -2.60 11.34
CA ASP A 282 1.15 -3.72 12.22
C ASP A 282 -0.26 -4.22 11.88
N VAL A 283 -0.34 -5.04 10.84
CA VAL A 283 -1.62 -5.61 10.43
C VAL A 283 -1.99 -6.73 11.40
N ARG A 284 -3.25 -6.71 11.84
CA ARG A 284 -3.76 -7.67 12.81
C ARG A 284 -4.90 -8.47 12.18
N ILE A 285 -5.58 -9.25 13.01
CA ILE A 285 -6.65 -10.15 12.56
C ILE A 285 -7.98 -9.60 13.05
N LEU A 286 -8.93 -9.44 12.12
CA LEU A 286 -10.27 -8.98 12.46
C LEU A 286 -11.20 -10.12 12.85
N ASN A 287 -10.79 -11.37 12.66
CA ASN A 287 -11.58 -12.54 13.03
C ASN A 287 -10.72 -13.52 13.80
N PRO A 288 -10.33 -13.17 15.03
CA PRO A 288 -9.46 -14.07 15.81
C PRO A 288 -10.20 -15.18 16.54
N TYR A 289 -11.54 -15.18 16.52
CA TYR A 289 -12.34 -16.18 17.21
C TYR A 289 -13.11 -17.09 16.24
N ASP A 290 -12.79 -17.05 14.96
CA ASP A 290 -13.47 -17.92 14.00
C ASP A 290 -13.19 -19.39 14.27
N SER A 291 -11.95 -19.71 14.64
CA SER A 291 -11.56 -21.09 14.93
C SER A 291 -10.34 -21.05 15.84
N PHE A 292 -9.87 -22.24 16.23
CA PHE A 292 -8.67 -22.33 17.05
C PHE A 292 -7.45 -21.83 16.30
N ILE A 293 -7.34 -22.15 15.01
CA ILE A 293 -6.18 -21.75 14.23
C ILE A 293 -6.12 -20.24 14.05
N SER A 294 -7.28 -19.57 14.07
CA SER A 294 -7.28 -18.12 13.95
C SER A 294 -6.58 -17.46 15.12
N PHE A 295 -6.80 -17.99 16.33
CA PHE A 295 -6.12 -17.46 17.52
C PHE A 295 -4.61 -17.65 17.42
N MET A 296 -4.17 -18.83 16.98
CA MET A 296 -2.74 -19.07 16.81
C MET A 296 -2.15 -18.15 15.75
N SER A 297 -2.88 -17.93 14.66
CA SER A 297 -2.42 -17.01 13.62
C SER A 297 -2.30 -15.60 14.17
N SER A 298 -3.25 -15.18 15.00
CA SER A 298 -3.17 -13.85 15.61
C SER A 298 -1.94 -13.72 16.50
N LEU A 299 -1.68 -14.73 17.33
CA LEU A 299 -0.52 -14.68 18.21
C LEU A 299 0.77 -14.64 17.40
N ARG A 300 0.86 -15.47 16.36
CA ARG A 300 2.05 -15.48 15.51
C ARG A 300 2.23 -14.16 14.79
N TYR A 301 1.13 -13.56 14.31
CA TYR A 301 1.19 -12.27 13.66
C TYR A 301 1.73 -11.20 14.60
N TRP A 302 1.23 -11.18 15.84
CA TRP A 302 1.68 -10.18 16.78
C TRP A 302 3.16 -10.37 17.10
N MET A 303 3.58 -11.61 17.33
CA MET A 303 4.99 -11.87 17.58
C MET A 303 5.86 -11.42 16.43
N ALA A 304 5.48 -11.78 15.20
CA ALA A 304 6.23 -11.36 14.02
C ALA A 304 6.35 -9.84 13.98
N PHE A 305 5.22 -9.15 13.87
CA PHE A 305 5.20 -7.71 13.64
C PHE A 305 5.68 -6.89 14.83
N ASN A 306 5.83 -7.48 16.02
CA ASN A 306 6.31 -6.71 17.16
C ASN A 306 7.68 -7.16 17.64
N VAL A 307 8.26 -8.22 17.07
CA VAL A 307 9.62 -8.60 17.42
C VAL A 307 10.51 -8.55 16.18
N GLU A 308 10.17 -9.38 15.18
CA GLU A 308 11.07 -9.52 14.04
C GLU A 308 11.10 -8.24 13.21
N ARG A 309 9.93 -7.69 12.89
CA ARG A 309 9.88 -6.48 12.10
C ARG A 309 10.51 -5.30 12.83
N ALA A 310 10.27 -5.19 14.13
CA ALA A 310 10.86 -4.10 14.91
C ALA A 310 12.38 -4.23 14.97
N CYS A 311 12.90 -5.45 15.18
CA CYS A 311 14.34 -5.63 15.22
C CYS A 311 14.97 -5.34 13.87
N GLN A 312 14.32 -5.77 12.79
CA GLN A 312 14.86 -5.48 11.46
C GLN A 312 14.80 -3.99 11.16
N SER A 313 13.75 -3.30 11.61
CA SER A 313 13.65 -1.86 11.42
C SER A 313 14.65 -1.09 12.27
N TYR A 314 15.13 -1.67 13.36
CA TYR A 314 16.19 -1.04 14.13
C TYR A 314 17.46 -0.92 13.30
N PHE A 315 17.78 -1.96 12.54
CA PHE A 315 18.91 -1.93 11.61
C PHE A 315 18.50 -1.53 10.20
N ASP A 316 17.23 -1.19 9.99
CA ASP A 316 16.73 -0.73 8.68
C ASP A 316 16.87 -1.83 7.63
N CYS A 317 16.54 -3.06 7.99
CA CYS A 317 16.63 -4.21 7.10
C CYS A 317 15.36 -5.06 7.20
N VAL A 318 14.20 -4.43 7.14
CA VAL A 318 12.94 -5.15 7.17
C VAL A 318 12.84 -6.02 5.92
N SER A 319 12.88 -7.34 6.11
CA SER A 319 12.95 -8.25 4.97
C SER A 319 11.69 -8.22 4.13
N CYS A 320 10.52 -8.20 4.77
CA CYS A 320 9.25 -8.26 4.06
C CYS A 320 8.31 -7.19 4.59
N ILE A 321 7.58 -6.55 3.66
CA ILE A 321 6.58 -5.56 4.00
C ILE A 321 5.21 -6.19 3.77
N SER A 322 4.34 -6.09 4.77
CA SER A 322 3.02 -6.73 4.70
C SER A 322 2.21 -6.13 3.56
N GLY A 323 1.59 -7.01 2.77
CA GLY A 323 0.77 -6.60 1.65
C GLY A 323 -0.43 -5.75 2.04
N PRO A 324 -1.21 -6.19 3.05
CA PRO A 324 -2.35 -5.37 3.48
C PRO A 324 -1.98 -3.97 3.93
N LEU A 325 -0.83 -3.80 4.58
CA LEU A 325 -0.40 -2.49 5.09
C LEU A 325 1.04 -2.26 4.65
N GLY A 326 1.20 -1.50 3.57
CA GLY A 326 2.53 -1.17 3.08
C GLY A 326 2.48 0.06 2.22
N MET A 327 3.54 0.87 2.28
CA MET A 327 3.64 2.09 1.50
C MET A 327 5.03 2.17 0.89
N TYR A 328 5.11 2.66 -0.34
CA TYR A 328 6.36 2.76 -1.08
C TYR A 328 6.47 4.15 -1.71
N ARG A 329 7.71 4.58 -1.94
CA ARG A 329 7.95 5.79 -2.69
C ARG A 329 7.60 5.59 -4.16
N ASN A 330 6.89 6.56 -4.75
CA ASN A 330 6.37 6.38 -6.10
C ASN A 330 7.48 6.28 -7.13
N ASN A 331 8.51 7.13 -7.02
CA ASN A 331 9.55 7.17 -8.04
C ASN A 331 10.30 5.84 -8.12
N ILE A 332 10.72 5.32 -6.97
CA ILE A 332 11.43 4.04 -6.94
C ILE A 332 10.54 2.91 -7.46
N LEU A 333 9.26 2.93 -7.07
CA LEU A 333 8.33 1.89 -7.50
C LEU A 333 8.18 1.90 -9.02
N GLN A 334 8.04 3.09 -9.61
CA GLN A 334 7.96 3.16 -11.08
C GLN A 334 9.29 2.77 -11.71
N VAL A 335 10.40 3.00 -11.02
CA VAL A 335 11.70 2.60 -11.55
C VAL A 335 11.80 1.08 -11.65
N PHE A 336 11.40 0.35 -10.61
CA PHE A 336 11.59 -1.10 -10.61
C PHE A 336 10.34 -1.89 -10.96
N LEU A 337 9.25 -1.22 -11.40
CA LEU A 337 8.02 -1.93 -11.72
C LEU A 337 8.22 -2.95 -12.85
N GLU A 338 8.84 -2.52 -13.95
CA GLU A 338 8.99 -3.40 -15.10
C GLU A 338 9.85 -4.61 -14.76
N ALA A 339 10.93 -4.38 -14.01
CA ALA A 339 11.76 -5.50 -13.56
C ALA A 339 10.99 -6.41 -12.61
N TRP A 340 10.14 -5.83 -11.76
CA TRP A 340 9.35 -6.63 -10.82
C TRP A 340 8.41 -7.57 -11.56
N TYR A 341 7.74 -7.08 -12.60
CA TYR A 341 6.83 -7.93 -13.35
C TYR A 341 7.59 -9.02 -14.09
N ARG A 342 8.70 -8.66 -14.74
CA ARG A 342 9.48 -9.62 -15.52
C ARG A 342 10.54 -10.29 -14.64
N GLN A 343 10.07 -11.15 -13.74
CA GLN A 343 10.92 -11.89 -12.82
C GLN A 343 10.71 -13.39 -13.01
N LYS A 344 11.81 -14.13 -13.09
CA LYS A 344 11.77 -15.57 -13.27
C LYS A 344 13.09 -16.14 -12.75
N PHE A 345 13.38 -17.39 -13.13
CA PHE A 345 14.60 -18.11 -12.73
C PHE A 345 14.57 -18.46 -11.24
N LEU A 346 13.40 -18.38 -10.62
CA LEU A 346 13.22 -18.71 -9.21
C LEU A 346 12.53 -20.07 -9.13
N GLY A 347 13.26 -21.08 -8.65
CA GLY A 347 12.73 -22.43 -8.62
C GLY A 347 12.48 -23.02 -10.00
N THR A 348 13.45 -22.82 -10.92
CA THR A 348 13.53 -23.22 -12.33
C THR A 348 13.45 -21.97 -13.19
N TYR A 349 12.31 -21.76 -13.88
CA TYR A 349 12.12 -20.55 -14.67
C TYR A 349 10.71 -20.00 -14.53
N CYS A 350 9.98 -20.36 -13.47
CA CYS A 350 8.62 -19.90 -13.30
C CYS A 350 8.59 -18.43 -12.91
N THR A 351 7.65 -17.68 -13.50
CA THR A 351 7.49 -16.27 -13.18
C THR A 351 6.94 -16.09 -11.77
N LEU A 352 7.30 -14.97 -11.15
CA LEU A 352 6.87 -14.66 -9.79
C LEU A 352 6.68 -13.15 -9.69
N GLY A 353 6.44 -12.66 -8.48
CA GLY A 353 6.22 -11.26 -8.20
C GLY A 353 5.14 -11.05 -7.17
N ASP A 354 5.47 -10.37 -6.07
CA ASP A 354 4.56 -10.19 -4.95
C ASP A 354 5.12 -9.10 -4.05
N ASP A 355 4.49 -8.94 -2.87
CA ASP A 355 4.93 -7.91 -1.93
C ASP A 355 6.35 -8.17 -1.44
N ARG A 356 6.68 -9.44 -1.19
CA ARG A 356 8.04 -9.77 -0.77
C ARG A 356 9.04 -9.42 -1.86
N HIS A 357 8.68 -9.67 -3.13
CA HIS A 357 9.57 -9.28 -4.22
C HIS A 357 9.67 -7.76 -4.33
N LEU A 358 8.59 -7.03 -4.04
CA LEU A 358 8.67 -5.58 -4.03
C LEU A 358 9.65 -5.09 -2.98
N THR A 359 9.57 -5.65 -1.77
CA THR A 359 10.50 -5.27 -0.71
C THR A 359 11.94 -5.66 -1.09
N ASN A 360 12.12 -6.82 -1.72
CA ASN A 360 13.44 -7.24 -2.15
C ASN A 360 14.00 -6.28 -3.20
N ARG A 361 13.16 -5.81 -4.13
CA ARG A 361 13.61 -4.84 -5.11
C ARG A 361 13.98 -3.51 -4.45
N VAL A 362 13.19 -3.08 -3.47
CA VAL A 362 13.50 -1.84 -2.76
C VAL A 362 14.84 -1.96 -2.05
N LEU A 363 15.10 -3.11 -1.42
CA LEU A 363 16.39 -3.32 -0.78
C LEU A 363 17.52 -3.41 -1.80
N SER A 364 17.23 -4.00 -2.98
CA SER A 364 18.26 -4.14 -4.01
C SER A 364 18.69 -2.78 -4.54
N MET A 365 17.74 -1.85 -4.71
CA MET A 365 18.09 -0.52 -5.17
C MET A 365 18.90 0.28 -4.15
N GLY A 366 18.99 -0.21 -2.90
CA GLY A 366 19.79 0.43 -1.88
C GLY A 366 19.02 1.26 -0.89
N TYR A 367 17.70 1.36 -1.04
CA TYR A 367 16.88 2.15 -0.14
C TYR A 367 16.37 1.29 1.01
N ARG A 368 16.59 1.73 2.24
CA ARG A 368 16.20 0.97 3.40
C ARG A 368 14.69 1.02 3.62
N THR A 369 14.17 -0.04 4.22
CA THR A 369 12.76 -0.16 4.54
C THR A 369 12.57 -0.10 6.06
N LYS A 370 11.58 0.68 6.49
CA LYS A 370 11.31 0.90 7.91
C LYS A 370 10.04 0.18 8.31
N TYR A 371 9.67 0.34 9.58
CA TYR A 371 8.45 -0.25 10.13
C TYR A 371 8.03 0.56 11.34
N THR A 372 6.76 0.96 11.39
CA THR A 372 6.21 1.71 12.50
C THR A 372 5.04 0.95 13.10
N HIS A 373 4.98 0.95 14.43
CA HIS A 373 3.93 0.23 15.15
C HIS A 373 2.67 1.06 15.34
N LYS A 374 2.70 2.35 15.02
CA LYS A 374 1.53 3.20 15.20
C LYS A 374 0.52 3.08 14.07
N SER A 375 0.86 2.38 12.99
CA SER A 375 -0.06 2.09 11.90
C SER A 375 -0.67 0.71 12.14
N ARG A 376 -2.00 0.65 12.22
CA ARG A 376 -2.70 -0.57 12.56
C ARG A 376 -3.70 -0.92 11.47
N ALA A 377 -3.84 -2.21 11.20
CA ALA A 377 -4.81 -2.71 10.24
C ALA A 377 -5.27 -4.09 10.68
N PHE A 378 -6.43 -4.51 10.17
CA PHE A 378 -7.02 -5.79 10.51
C PHE A 378 -7.31 -6.55 9.23
N SER A 379 -6.76 -7.76 9.11
CA SER A 379 -6.94 -8.60 7.93
C SER A 379 -7.38 -9.99 8.35
N GLU A 380 -8.22 -10.59 7.50
CA GLU A 380 -8.75 -11.92 7.78
C GLU A 380 -7.72 -12.99 7.45
N THR A 381 -7.78 -14.09 8.18
CA THR A 381 -6.89 -15.22 8.00
C THR A 381 -7.70 -16.51 7.92
N PRO A 382 -7.23 -17.51 7.17
CA PRO A 382 -7.99 -18.75 7.04
C PRO A 382 -8.22 -19.44 8.38
N SER A 383 -9.42 -19.99 8.53
CA SER A 383 -9.78 -20.73 9.73
C SER A 383 -9.70 -22.24 9.56
N LEU A 384 -9.92 -22.73 8.34
CA LEU A 384 -9.80 -24.15 8.08
C LEU A 384 -8.33 -24.58 8.14
N TYR A 385 -8.11 -25.83 8.53
CA TYR A 385 -6.74 -26.34 8.65
C TYR A 385 -6.06 -26.41 7.30
N LEU A 386 -6.76 -26.87 6.26
CA LEU A 386 -6.13 -27.07 4.97
C LEU A 386 -5.88 -25.74 4.25
N ARG A 387 -6.79 -24.77 4.40
CA ARG A 387 -6.55 -23.45 3.83
C ARG A 387 -5.33 -22.78 4.48
N TRP A 388 -5.19 -22.91 5.80
CA TRP A 388 -4.02 -22.38 6.48
C TRP A 388 -2.76 -23.07 6.00
N LEU A 389 -2.82 -24.39 5.80
CA LEU A 389 -1.65 -25.11 5.30
C LEU A 389 -1.28 -24.65 3.90
N ASN A 390 -2.27 -24.45 3.03
CA ASN A 390 -1.99 -23.96 1.67
C ASN A 390 -1.37 -22.58 1.71
N GLN A 391 -1.89 -21.69 2.56
CA GLN A 391 -1.31 -20.37 2.70
C GLN A 391 0.14 -20.45 3.18
N GLN A 392 0.41 -21.33 4.14
CA GLN A 392 1.78 -21.48 4.63
C GLN A 392 2.71 -22.03 3.56
N THR A 393 2.24 -23.00 2.76
CA THR A 393 3.07 -23.53 1.68
C THR A 393 3.37 -22.45 0.64
N ARG A 394 2.37 -21.64 0.29
CA ARG A 394 2.61 -20.55 -0.65
C ARG A 394 3.61 -19.54 -0.09
N TRP A 395 3.48 -19.21 1.19
CA TRP A 395 4.41 -18.26 1.82
C TRP A 395 5.83 -18.82 1.82
N THR A 396 5.98 -20.11 2.13
CA THR A 396 7.31 -20.70 2.17
C THR A 396 7.90 -20.82 0.76
N LYS A 397 7.06 -21.09 -0.24
CA LYS A 397 7.54 -21.09 -1.61
C LYS A 397 8.05 -19.71 -2.02
N SER A 398 7.30 -18.66 -1.66
CA SER A 398 7.75 -17.30 -1.96
C SER A 398 9.04 -16.99 -1.24
N TYR A 399 9.16 -17.39 0.03
CA TYR A 399 10.39 -17.14 0.78
C TYR A 399 11.58 -17.85 0.16
N PHE A 400 11.40 -19.12 -0.23
CA PHE A 400 12.49 -19.87 -0.85
C PHE A 400 12.91 -19.25 -2.18
N ARG A 401 11.94 -18.83 -2.99
CA ARG A 401 12.27 -18.19 -4.26
C ARG A 401 12.99 -16.87 -4.04
N GLU A 402 12.56 -16.08 -3.06
CA GLU A 402 13.20 -14.79 -2.80
C GLU A 402 14.55 -14.92 -2.12
N TRP A 403 14.84 -16.07 -1.48
CA TRP A 403 16.12 -16.22 -0.81
C TRP A 403 17.28 -16.15 -1.79
N LEU A 404 17.14 -16.81 -2.95
CA LEU A 404 18.21 -16.77 -3.93
C LEU A 404 18.42 -15.37 -4.49
N TYR A 405 17.34 -14.63 -4.71
CA TYR A 405 17.45 -13.27 -5.23
C TYR A 405 18.04 -12.33 -4.20
N ASN A 406 17.73 -12.53 -2.93
CA ASN A 406 18.23 -11.69 -1.85
C ASN A 406 19.56 -12.17 -1.30
N ALA A 407 20.11 -13.26 -1.84
CA ALA A 407 21.46 -13.67 -1.46
C ALA A 407 22.46 -12.55 -1.72
N GLN A 408 22.33 -11.85 -2.84
CA GLN A 408 23.13 -10.65 -3.07
C GLN A 408 22.53 -9.48 -2.33
N TRP A 409 23.02 -8.27 -2.59
CA TRP A 409 22.52 -7.05 -1.96
C TRP A 409 22.71 -7.08 -0.45
N TRP A 410 23.45 -8.07 0.05
CA TRP A 410 23.69 -8.15 1.49
C TRP A 410 24.67 -7.09 1.97
N HIS A 411 25.58 -6.67 1.10
CA HIS A 411 26.60 -5.69 1.46
C HIS A 411 26.04 -4.28 1.60
N LYS A 412 24.78 -4.05 1.21
CA LYS A 412 24.22 -2.71 1.21
C LYS A 412 23.57 -2.33 2.53
N HIS A 413 22.95 -3.29 3.22
CA HIS A 413 22.20 -3.01 4.45
C HIS A 413 22.65 -3.95 5.57
N HIS A 414 23.71 -3.54 6.28
CA HIS A 414 24.10 -4.16 7.54
C HIS A 414 24.42 -5.65 7.42
N ILE A 415 24.67 -6.29 8.55
CA ILE A 415 24.96 -7.72 8.59
C ILE A 415 23.85 -8.52 9.27
N TRP A 416 22.95 -7.86 10.00
CA TRP A 416 21.86 -8.57 10.65
C TRP A 416 20.95 -9.25 9.64
N MET A 417 20.79 -8.66 8.45
CA MET A 417 20.00 -9.32 7.42
C MET A 417 20.61 -10.66 7.02
N THR A 418 21.92 -10.68 6.80
CA THR A 418 22.60 -11.93 6.46
C THR A 418 22.51 -12.94 7.59
N TYR A 419 22.71 -12.49 8.83
CA TYR A 419 22.64 -13.39 9.98
C TYR A 419 21.24 -14.01 10.09
N GLU A 420 20.21 -13.18 10.02
CA GLU A 420 18.84 -13.69 10.13
C GLU A 420 18.51 -14.62 8.97
N SER A 421 18.94 -14.27 7.76
CA SER A 421 18.66 -15.11 6.60
C SER A 421 19.30 -16.48 6.75
N VAL A 422 20.57 -16.52 7.15
CA VAL A 422 21.26 -17.82 7.24
C VAL A 422 20.68 -18.66 8.37
N VAL A 423 20.37 -18.04 9.52
CA VAL A 423 19.84 -18.84 10.62
C VAL A 423 18.43 -19.33 10.29
N SER A 424 17.62 -18.52 9.62
CA SER A 424 16.28 -18.95 9.24
C SER A 424 16.33 -20.03 8.16
N PHE A 425 17.36 -20.01 7.31
CA PHE A 425 17.49 -21.06 6.30
C PHE A 425 17.93 -22.37 6.93
N ILE A 426 18.82 -22.32 7.93
CA ILE A 426 19.38 -23.55 8.48
C ILE A 426 18.60 -24.10 9.67
N PHE A 427 17.70 -23.33 10.27
CA PHE A 427 16.98 -23.81 11.45
C PHE A 427 16.09 -25.01 11.18
N PRO A 428 15.19 -25.01 10.18
CA PRO A 428 14.28 -26.16 10.04
C PRO A 428 14.98 -27.47 9.77
N PHE A 429 16.06 -27.46 8.97
CA PHE A 429 16.76 -28.69 8.66
C PHE A 429 17.40 -29.28 9.91
N PHE A 430 18.04 -28.43 10.73
CA PHE A 430 18.65 -28.92 11.97
C PHE A 430 17.60 -29.41 12.96
N ILE A 431 16.45 -28.71 13.02
CA ILE A 431 15.37 -29.17 13.91
C ILE A 431 14.87 -30.54 13.48
N THR A 432 14.68 -30.73 12.17
CA THR A 432 14.22 -32.02 11.66
C THR A 432 15.24 -33.11 11.94
N ALA A 433 16.53 -32.81 11.73
CA ALA A 433 17.56 -33.80 11.99
C ALA A 433 17.61 -34.19 13.46
N THR A 434 17.52 -33.20 14.36
CA THR A 434 17.53 -33.50 15.79
C THR A 434 16.32 -34.34 16.18
N VAL A 435 15.14 -33.99 15.67
CA VAL A 435 13.93 -34.74 16.00
C VAL A 435 14.05 -36.18 15.51
N ILE A 436 14.54 -36.36 14.28
CA ILE A 436 14.68 -37.70 13.71
C ILE A 436 15.67 -38.51 14.53
N ARG A 437 16.81 -37.91 14.88
CA ARG A 437 17.81 -38.65 15.66
C ARG A 437 17.27 -39.05 17.02
N LEU A 438 16.60 -38.12 17.72
CA LEU A 438 16.12 -38.45 19.06
C LEU A 438 14.97 -39.46 19.01
N ILE A 439 14.16 -39.42 17.95
CA ILE A 439 13.10 -40.42 17.81
C ILE A 439 13.67 -41.79 17.49
N TYR A 440 14.69 -41.84 16.62
CA TYR A 440 15.30 -43.10 16.22
C TYR A 440 16.35 -43.60 17.20
N ALA A 441 16.61 -42.87 18.29
CA ALA A 441 17.53 -43.34 19.31
C ALA A 441 17.10 -44.70 19.86
N GLY A 442 15.80 -44.89 20.06
CA GLY A 442 15.27 -46.16 20.49
C GLY A 442 14.90 -46.28 21.95
N THR A 443 14.75 -45.17 22.66
CA THR A 443 14.43 -45.18 24.08
C THR A 443 13.25 -44.27 24.36
N ILE A 444 12.32 -44.75 25.20
CA ILE A 444 11.22 -43.91 25.65
C ILE A 444 11.75 -42.70 26.41
N TRP A 445 12.85 -42.91 27.15
CA TRP A 445 13.50 -41.82 27.88
C TRP A 445 13.82 -40.64 26.97
N ASN A 446 14.53 -40.91 25.88
CA ASN A 446 14.98 -39.85 24.99
C ASN A 446 13.79 -39.13 24.34
N VAL A 447 12.79 -39.89 23.92
CA VAL A 447 11.60 -39.27 23.30
C VAL A 447 10.88 -38.40 24.31
N VAL A 448 10.77 -38.87 25.55
CA VAL A 448 10.05 -38.12 26.57
C VAL A 448 10.74 -36.79 26.85
N TRP A 449 12.06 -36.80 27.05
CA TRP A 449 12.73 -35.52 27.27
C TRP A 449 12.80 -34.67 25.99
N LEU A 450 12.77 -35.29 24.82
CA LEU A 450 12.64 -34.51 23.59
C LEU A 450 11.36 -33.68 23.60
N LEU A 451 10.23 -34.34 23.86
CA LEU A 451 8.96 -33.63 23.91
C LEU A 451 8.95 -32.60 25.03
N LEU A 452 9.49 -32.97 26.19
CA LEU A 452 9.50 -32.06 27.33
C LEU A 452 10.33 -30.81 27.04
N CYS A 453 11.48 -30.97 26.38
CA CYS A 453 12.31 -29.81 26.05
C CYS A 453 11.63 -28.94 24.99
N ILE A 454 11.00 -29.56 24.00
CA ILE A 454 10.27 -28.77 23.01
C ILE A 454 9.17 -27.95 23.67
N GLN A 455 8.48 -28.51 24.67
CA GLN A 455 7.45 -27.74 25.36
C GLN A 455 8.01 -26.71 26.34
N ILE A 456 9.14 -27.01 27.00
CA ILE A 456 9.73 -26.06 27.93
C ILE A 456 10.27 -24.84 27.20
N MET A 457 10.91 -25.04 26.05
CA MET A 457 11.38 -23.90 25.26
C MET A 457 10.22 -23.03 24.82
N SER A 458 9.13 -23.64 24.35
CA SER A 458 7.96 -22.88 23.95
C SER A 458 7.35 -22.13 25.14
N LEU A 459 7.32 -22.76 26.31
CA LEU A 459 6.78 -22.09 27.49
C LEU A 459 7.64 -20.90 27.89
N PHE A 460 8.96 -21.04 27.83
CA PHE A 460 9.84 -19.92 28.14
C PHE A 460 9.67 -18.79 27.14
N LYS A 461 9.56 -19.12 25.85
CA LYS A 461 9.31 -18.08 24.85
C LYS A 461 7.99 -17.38 25.11
N SER A 462 6.95 -18.14 25.47
CA SER A 462 5.65 -17.53 25.74
C SER A 462 5.68 -16.67 26.99
N ILE A 463 6.45 -17.06 28.00
CA ILE A 463 6.58 -16.25 29.21
C ILE A 463 7.28 -14.94 28.89
N TYR A 464 8.35 -15.00 28.10
CA TYR A 464 9.04 -13.77 27.71
C TYR A 464 8.14 -12.89 26.84
N ALA A 465 7.31 -13.52 26.00
CA ALA A 465 6.34 -12.79 25.21
C ALA A 465 5.30 -12.11 26.08
N CYS A 466 4.88 -12.78 27.17
CA CYS A 466 3.97 -12.15 28.13
C CYS A 466 4.64 -10.97 28.80
N TRP A 467 5.93 -11.11 29.13
CA TRP A 467 6.68 -10.02 29.75
C TRP A 467 6.69 -8.80 28.85
N LEU A 468 7.03 -8.98 27.57
CA LEU A 468 7.17 -7.84 26.68
C LEU A 468 5.81 -7.30 26.21
N ARG A 469 4.83 -8.18 26.01
CA ARG A 469 3.47 -7.74 25.68
C ARG A 469 2.81 -7.06 26.86
N GLY A 470 2.65 -7.79 27.97
CA GLY A 470 2.11 -7.25 29.19
C GLY A 470 0.64 -7.48 29.45
N ASN A 471 -0.02 -8.34 28.67
CA ASN A 471 -1.44 -8.60 28.87
C ASN A 471 -1.78 -10.08 29.10
N PHE A 472 -0.78 -10.97 29.11
CA PHE A 472 -0.89 -12.31 29.67
C PHE A 472 -1.73 -13.30 28.86
N ILE A 473 -2.32 -12.86 27.76
CA ILE A 473 -3.09 -13.79 26.93
C ILE A 473 -2.08 -14.56 26.10
N MET A 474 -0.84 -14.06 26.07
CA MET A 474 0.21 -14.61 25.23
C MET A 474 0.65 -16.00 25.66
N LEU A 475 0.22 -16.47 26.84
CA LEU A 475 0.61 -17.81 27.29
C LEU A 475 0.08 -18.90 26.38
N LEU A 476 -0.92 -18.60 25.55
CA LEU A 476 -1.48 -19.60 24.65
C LEU A 476 -0.56 -19.95 23.49
N MET A 477 0.49 -19.17 23.25
CA MET A 477 1.41 -19.45 22.14
C MET A 477 2.22 -20.72 22.37
N SER A 478 2.24 -21.26 23.59
CA SER A 478 2.99 -22.48 23.86
C SER A 478 2.42 -23.68 23.10
N LEU A 479 1.19 -23.59 22.61
CA LEU A 479 0.58 -24.65 21.83
C LEU A 479 0.97 -24.60 20.35
N TYR A 480 1.75 -23.60 19.93
CA TYR A 480 2.16 -23.51 18.55
C TYR A 480 3.15 -24.59 18.17
N SER A 481 3.76 -25.26 19.15
CA SER A 481 4.68 -26.35 18.84
C SER A 481 3.96 -27.52 18.17
N MET A 482 2.75 -27.85 18.66
CA MET A 482 2.00 -28.96 18.08
C MET A 482 1.59 -28.68 16.65
N LEU A 483 1.53 -27.41 16.25
CA LEU A 483 1.23 -27.07 14.86
C LEU A 483 2.48 -26.94 14.01
N TYR A 484 3.59 -26.47 14.60
CA TYR A 484 4.82 -26.32 13.84
C TYR A 484 5.48 -27.66 13.56
N MET A 485 5.46 -28.57 14.53
CA MET A 485 6.18 -29.83 14.44
C MET A 485 5.37 -30.96 13.81
N THR A 486 4.10 -30.71 13.46
CA THR A 486 3.25 -31.73 12.88
C THR A 486 2.68 -31.36 11.52
N GLY A 487 2.47 -30.07 11.25
CA GLY A 487 1.85 -29.66 10.00
C GLY A 487 2.62 -28.61 9.22
N LEU A 488 3.59 -27.97 9.85
CA LEU A 488 4.34 -26.89 9.22
C LEU A 488 5.65 -27.33 8.61
N LEU A 489 6.39 -28.23 9.27
CA LEU A 489 7.61 -28.76 8.67
C LEU A 489 7.35 -29.58 7.41
N PRO A 490 6.40 -30.51 7.38
CA PRO A 490 6.08 -31.17 6.10
C PRO A 490 5.58 -30.20 5.05
N SER A 491 4.85 -29.15 5.46
CA SER A 491 4.42 -28.14 4.50
C SER A 491 5.62 -27.41 3.90
N LYS A 492 6.62 -27.09 4.73
CA LYS A 492 7.83 -26.46 4.23
C LYS A 492 8.57 -27.39 3.27
N TYR A 493 8.65 -28.67 3.60
CA TYR A 493 9.31 -29.62 2.71
C TYR A 493 8.57 -29.74 1.37
N PHE A 494 7.24 -29.78 1.42
CA PHE A 494 6.45 -29.82 0.19
C PHE A 494 6.65 -28.56 -0.64
N ALA A 495 6.69 -27.40 0.00
CA ALA A 495 6.92 -26.15 -0.72
C ALA A 495 8.30 -26.14 -1.36
N LEU A 496 9.30 -26.68 -0.66
CA LEU A 496 10.64 -26.78 -1.24
C LEU A 496 10.66 -27.73 -2.43
N LEU A 497 9.94 -28.84 -2.35
CA LEU A 497 9.98 -29.84 -3.41
C LEU A 497 9.19 -29.44 -4.66
N THR A 498 8.25 -28.51 -4.56
CA THR A 498 7.40 -28.13 -5.69
C THR A 498 7.46 -26.63 -5.94
N LEU A 499 8.68 -26.08 -6.00
CA LEU A 499 8.83 -24.67 -6.34
C LEU A 499 8.41 -24.39 -7.78
N ASN A 500 8.50 -25.38 -8.66
CA ASN A 500 8.20 -25.17 -10.07
C ASN A 500 6.71 -25.00 -10.34
N LYS A 501 5.86 -25.31 -9.37
CA LYS A 501 4.41 -25.21 -9.55
C LYS A 501 3.90 -23.87 -9.04
N THR A 502 2.66 -23.56 -9.39
CA THR A 502 2.01 -22.32 -8.98
C THR A 502 0.50 -22.55 -8.99
N GLY A 503 -0.25 -21.47 -8.77
CA GLY A 503 -1.70 -21.57 -8.75
C GLY A 503 -2.32 -21.05 -7.47
N TRP A 504 -1.56 -20.21 -6.73
CA TRP A 504 -2.02 -19.57 -5.51
C TRP A 504 -2.33 -20.59 -4.43
N GLY A 505 -3.40 -21.37 -4.61
CA GLY A 505 -3.80 -22.42 -3.70
C GLY A 505 -5.14 -22.20 -3.04
N THR A 506 -5.48 -20.95 -2.73
CA THR A 506 -6.73 -20.62 -2.08
C THR A 506 -7.54 -19.71 -3.00
N SER A 507 -8.82 -20.06 -3.21
CA SER A 507 -9.68 -19.28 -4.07
C SER A 507 -10.26 -18.08 -3.32
N GLY A 508 -11.07 -17.29 -4.02
CA GLY A 508 -11.72 -16.16 -3.40
C GLY A 508 -12.79 -16.59 -2.41
N ARG A 509 -13.24 -15.63 -1.60
CA ARG A 509 -14.20 -15.93 -0.55
C ARG A 509 -15.64 -15.82 -1.07
N LYS A 510 -15.91 -16.42 -2.22
CA LYS A 510 -17.29 -16.60 -2.66
C LYS A 510 -17.63 -18.08 -2.79
N LYS A 511 -16.89 -18.78 -3.65
CA LYS A 511 -17.03 -20.22 -3.84
C LYS A 511 -15.85 -20.92 -3.15
N ILE A 512 -15.93 -21.05 -1.83
CA ILE A 512 -14.89 -21.75 -1.07
C ILE A 512 -14.76 -23.17 -1.61
N VAL A 513 -13.51 -23.62 -1.79
CA VAL A 513 -13.23 -24.86 -2.50
C VAL A 513 -12.34 -25.76 -1.66
N GLY A 514 -11.85 -26.84 -2.26
CA GLY A 514 -11.14 -27.89 -1.56
C GLY A 514 -9.63 -27.77 -1.65
N ASN A 515 -9.02 -28.52 -2.58
CA ASN A 515 -7.57 -28.61 -2.72
C ASN A 515 -6.95 -29.21 -1.45
N TYR A 516 -7.30 -30.48 -1.24
CA TYR A 516 -6.84 -31.26 -0.10
C TYR A 516 -5.45 -31.87 -0.33
N MET A 517 -4.67 -31.32 -1.25
CA MET A 517 -3.33 -31.84 -1.53
C MET A 517 -2.42 -31.96 -0.32
N PRO A 518 -2.36 -31.00 0.64
CA PRO A 518 -1.39 -31.10 1.74
C PRO A 518 -1.50 -32.35 2.61
N ILE A 519 -2.46 -33.24 2.34
CA ILE A 519 -2.58 -34.44 3.14
C ILE A 519 -1.37 -35.35 2.96
N LEU A 520 -0.79 -35.39 1.76
CA LEU A 520 0.34 -36.28 1.50
C LEU A 520 1.55 -35.97 2.37
N PRO A 521 2.04 -34.72 2.47
CA PRO A 521 3.14 -34.46 3.42
C PRO A 521 2.76 -34.75 4.86
N LEU A 522 1.52 -34.44 5.25
CA LEU A 522 1.08 -34.75 6.61
C LEU A 522 1.07 -36.25 6.84
N SER A 523 0.58 -37.01 5.87
CA SER A 523 0.55 -38.47 6.01
C SER A 523 1.96 -39.03 6.10
N ILE A 524 2.88 -38.53 5.28
CA ILE A 524 4.26 -39.01 5.31
C ILE A 524 4.90 -38.71 6.66
N TRP A 525 4.73 -37.48 7.15
CA TRP A 525 5.30 -37.10 8.44
C TRP A 525 4.72 -37.94 9.57
N ALA A 526 3.40 -38.15 9.57
CA ALA A 526 2.77 -38.94 10.60
C ALA A 526 3.25 -40.39 10.55
N ALA A 527 3.39 -40.96 9.36
CA ALA A 527 3.88 -42.32 9.23
C ALA A 527 5.31 -42.44 9.74
N VAL A 528 6.16 -41.48 9.40
CA VAL A 528 7.55 -41.52 9.86
C VAL A 528 7.60 -41.43 11.38
N LEU A 529 6.84 -40.50 11.96
CA LEU A 529 6.84 -40.36 13.42
C LEU A 529 6.31 -41.61 14.10
N CYS A 530 5.21 -42.17 13.58
CA CYS A 530 4.64 -43.37 14.19
C CYS A 530 5.60 -44.54 14.10
N GLY A 531 6.26 -44.72 12.95
CA GLY A 531 7.24 -45.79 12.84
C GLY A 531 8.41 -45.61 13.79
N GLY A 532 8.88 -44.37 13.94
CA GLY A 532 9.97 -44.11 14.87
C GLY A 532 9.60 -44.40 16.31
N VAL A 533 8.42 -43.95 16.74
CA VAL A 533 7.99 -44.21 18.11
C VAL A 533 7.76 -45.70 18.32
N GLY A 534 7.21 -46.39 17.32
CA GLY A 534 7.04 -47.83 17.44
C GLY A 534 8.36 -48.57 17.58
N TYR A 535 9.35 -48.19 16.77
CA TYR A 535 10.67 -48.81 16.88
C TYR A 535 11.28 -48.54 18.24
N SER A 536 11.17 -47.30 18.72
CA SER A 536 11.73 -46.96 20.03
C SER A 536 11.06 -47.75 21.15
N ILE A 537 9.72 -47.85 21.12
CA ILE A 537 9.02 -48.56 22.19
C ILE A 537 9.32 -50.05 22.13
N TYR A 538 9.44 -50.61 20.92
CA TYR A 538 9.81 -52.01 20.78
C TYR A 538 11.18 -52.27 21.38
N MET A 539 12.16 -51.42 21.02
CA MET A 539 13.52 -51.62 21.53
C MET A 539 13.57 -51.46 23.05
N ASP A 540 12.85 -50.48 23.59
CA ASP A 540 12.92 -50.26 25.03
C ASP A 540 12.15 -51.32 25.80
N CYS A 541 11.09 -51.88 25.21
CA CYS A 541 10.39 -52.99 25.86
C CYS A 541 11.20 -54.27 25.80
N GLN A 542 12.06 -54.41 24.78
CA GLN A 542 12.97 -55.55 24.70
C GLN A 542 14.31 -55.27 25.36
N ASN A 543 14.35 -54.38 26.34
CA ASN A 543 15.57 -54.02 27.06
C ASN A 543 15.54 -54.61 28.46
N ASP A 544 16.66 -54.46 29.16
CA ASP A 544 16.79 -54.96 30.52
C ASP A 544 16.02 -54.10 31.50
N TRP A 545 15.59 -54.69 32.60
CA TRP A 545 14.87 -53.99 33.66
C TRP A 545 15.32 -54.57 35.00
N SER A 546 14.59 -54.21 36.06
CA SER A 546 14.77 -54.67 37.43
C SER A 546 16.05 -54.15 38.08
N THR A 547 16.91 -53.46 37.35
CA THR A 547 18.08 -52.89 38.00
C THR A 547 17.73 -51.54 38.62
N PRO A 548 18.44 -51.11 39.65
CA PRO A 548 18.13 -49.81 40.27
C PRO A 548 18.13 -48.65 39.28
N GLU A 549 19.06 -48.65 38.33
CA GLU A 549 19.09 -47.60 37.32
C GLU A 549 17.81 -47.58 36.51
N LYS A 550 17.37 -48.76 36.03
CA LYS A 550 16.15 -48.82 35.24
C LYS A 550 14.91 -48.52 36.06
N GLN A 551 14.92 -48.91 37.35
CA GLN A 551 13.80 -48.57 38.22
C GLN A 551 13.67 -47.05 38.37
N LYS A 552 14.79 -46.38 38.64
CA LYS A 552 14.77 -44.93 38.74
C LYS A 552 14.39 -44.29 37.41
N GLU A 553 14.85 -44.85 36.29
CA GLU A 553 14.47 -44.33 34.98
C GLU A 553 12.98 -44.45 34.75
N MET A 554 12.39 -45.58 35.13
CA MET A 554 10.96 -45.78 34.96
C MET A 554 10.17 -44.78 35.80
N TYR A 555 10.59 -44.58 37.06
CA TYR A 555 9.90 -43.59 37.89
C TYR A 555 10.05 -42.19 37.32
N HIS A 556 11.23 -41.84 36.84
CA HIS A 556 11.46 -40.51 36.30
C HIS A 556 10.61 -40.27 35.05
N LEU A 557 10.52 -41.27 34.17
CA LEU A 557 9.72 -41.10 32.97
C LEU A 557 8.23 -41.07 33.29
N LEU A 558 7.79 -41.83 34.29
CA LEU A 558 6.39 -41.74 34.72
C LEU A 558 6.07 -40.35 35.26
N TYR A 559 6.96 -39.80 36.08
CA TYR A 559 6.74 -38.44 36.59
C TYR A 559 6.76 -37.41 35.48
N GLY A 560 7.65 -37.58 34.50
CA GLY A 560 7.69 -36.68 33.37
C GLY A 560 6.41 -36.73 32.54
N CYS A 561 5.90 -37.93 32.30
CA CYS A 561 4.64 -38.06 31.57
C CYS A 561 3.48 -37.44 32.35
N VAL A 562 3.47 -37.63 33.67
CA VAL A 562 2.42 -37.03 34.49
C VAL A 562 2.48 -35.50 34.39
N GLY A 563 3.68 -34.94 34.51
CA GLY A 563 3.82 -33.50 34.37
C GLY A 563 3.42 -32.99 33.00
N TYR A 564 3.80 -33.73 31.95
CA TYR A 564 3.44 -33.35 30.59
C TYR A 564 1.93 -33.32 30.41
N VAL A 565 1.24 -34.37 30.86
CA VAL A 565 -0.21 -34.42 30.68
C VAL A 565 -0.90 -33.36 31.54
N MET A 566 -0.35 -33.09 32.73
CA MET A 566 -0.91 -32.03 33.57
C MET A 566 -0.79 -30.67 32.89
N TYR A 567 0.39 -30.39 32.31
CA TYR A 567 0.57 -29.12 31.61
C TYR A 567 -0.35 -29.03 30.41
N TRP A 568 -0.51 -30.12 29.67
CA TRP A 568 -1.38 -30.12 28.50
C TRP A 568 -2.83 -29.85 28.88
N VAL A 569 -3.32 -30.51 29.94
CA VAL A 569 -4.70 -30.29 30.34
C VAL A 569 -4.88 -28.90 30.94
N ILE A 570 -3.85 -28.37 31.61
CA ILE A 570 -3.93 -27.00 32.12
C ILE A 570 -4.07 -26.01 30.97
N MET A 571 -3.26 -26.19 29.92
CA MET A 571 -3.35 -25.31 28.76
C MET A 571 -4.71 -25.44 28.08
N ALA A 572 -5.22 -26.67 27.95
CA ALA A 572 -6.52 -26.87 27.32
C ALA A 572 -7.63 -26.20 28.13
N VAL A 573 -7.59 -26.33 29.45
CA VAL A 573 -8.61 -25.72 30.30
C VAL A 573 -8.53 -24.20 30.21
N MET A 574 -7.31 -23.65 30.20
CA MET A 574 -7.15 -22.20 30.09
C MET A 574 -7.70 -21.69 28.76
N TYR A 575 -7.41 -22.39 27.67
CA TYR A 575 -7.93 -21.98 26.37
C TYR A 575 -9.45 -22.08 26.33
N TRP A 576 -10.01 -23.16 26.86
CA TRP A 576 -11.46 -23.33 26.87
C TRP A 576 -12.14 -22.23 27.67
N VAL A 577 -11.57 -21.87 28.83
CA VAL A 577 -12.18 -20.85 29.67
C VAL A 577 -12.06 -19.48 29.00
N TRP A 578 -10.90 -19.19 28.39
CA TRP A 578 -10.73 -17.91 27.72
C TRP A 578 -11.55 -17.79 26.43
N VAL A 579 -11.91 -18.91 25.80
CA VAL A 579 -12.75 -18.84 24.60
C VAL A 579 -14.23 -18.89 24.95
N LYS A 580 -14.59 -19.41 26.13
CA LYS A 580 -15.99 -19.37 26.57
C LYS A 580 -16.31 -18.09 27.32
N ARG A 581 -15.42 -17.65 28.20
CA ARG A 581 -15.62 -16.43 28.96
C ARG A 581 -14.65 -15.34 28.50
N SER B 3 -27.99 13.89 -11.82
CA SER B 3 -28.48 15.27 -11.85
C SER B 3 -27.63 16.14 -12.76
N GLU B 4 -27.92 17.44 -12.79
CA GLU B 4 -27.20 18.40 -13.62
C GLU B 4 -26.47 19.38 -12.71
N VAL B 5 -25.19 19.57 -12.97
CA VAL B 5 -24.36 20.47 -12.17
C VAL B 5 -24.67 21.91 -12.56
N GLN B 6 -24.99 22.74 -11.58
CA GLN B 6 -25.30 24.14 -11.82
C GLN B 6 -24.62 25.00 -10.76
N LEU B 7 -24.24 26.21 -11.17
CA LEU B 7 -23.64 27.19 -10.28
C LEU B 7 -24.28 28.55 -10.52
N VAL B 8 -24.71 29.20 -9.46
CA VAL B 8 -25.40 30.48 -9.54
C VAL B 8 -24.65 31.49 -8.67
N GLU B 9 -24.32 32.64 -9.27
CA GLU B 9 -23.59 33.70 -8.57
C GLU B 9 -24.56 34.83 -8.22
N SER B 10 -24.43 35.35 -7.00
CA SER B 10 -25.27 36.44 -6.54
C SER B 10 -24.44 37.38 -5.68
N GLY B 11 -24.93 38.61 -5.55
CA GLY B 11 -24.28 39.62 -4.72
C GLY B 11 -23.66 40.77 -5.49
N GLY B 12 -23.67 40.73 -6.83
CA GLY B 12 -23.11 41.82 -7.60
C GLY B 12 -23.97 43.07 -7.54
N GLY B 13 -23.33 44.20 -7.80
CA GLY B 13 -24.04 45.47 -7.77
C GLY B 13 -23.05 46.63 -7.81
N LEU B 14 -23.57 47.81 -7.47
CA LEU B 14 -22.79 49.03 -7.43
C LEU B 14 -22.35 49.30 -5.99
N VAL B 15 -21.07 49.57 -5.80
CA VAL B 15 -20.50 49.79 -4.48
C VAL B 15 -19.55 50.99 -4.56
N GLN B 16 -19.65 51.88 -3.57
CA GLN B 16 -18.76 53.02 -3.49
C GLN B 16 -17.33 52.54 -3.24
N PRO B 17 -16.33 53.22 -3.82
CA PRO B 17 -14.94 52.84 -3.56
C PRO B 17 -14.60 52.93 -2.09
N GLY B 18 -13.79 51.98 -1.62
CA GLY B 18 -13.42 51.90 -0.22
C GLY B 18 -14.40 51.13 0.65
N GLY B 19 -15.48 50.60 0.07
CA GLY B 19 -16.47 49.87 0.83
C GLY B 19 -16.20 48.38 0.85
N SER B 20 -17.24 47.63 1.21
CA SER B 20 -17.17 46.18 1.30
C SER B 20 -18.26 45.55 0.45
N LEU B 21 -17.96 44.38 -0.12
CA LEU B 21 -18.88 43.67 -0.98
C LEU B 21 -18.87 42.19 -0.64
N ARG B 22 -20.00 41.54 -0.91
CA ARG B 22 -20.20 40.12 -0.61
C ARG B 22 -20.72 39.41 -1.85
N LEU B 23 -20.14 38.26 -2.16
CA LEU B 23 -20.60 37.43 -3.27
C LEU B 23 -20.81 36.00 -2.80
N SER B 24 -21.88 35.38 -3.29
CA SER B 24 -22.23 34.01 -2.96
C SER B 24 -22.33 33.19 -4.24
N CYS B 25 -21.80 31.97 -4.17
CA CYS B 25 -21.84 31.02 -5.28
C CYS B 25 -22.54 29.76 -4.80
N ALA B 26 -23.79 29.58 -5.23
CA ALA B 26 -24.58 28.43 -4.84
C ALA B 26 -24.40 27.31 -5.85
N ALA B 27 -24.16 26.10 -5.35
CA ALA B 27 -23.87 24.95 -6.19
C ALA B 27 -24.98 23.91 -6.06
N SER B 28 -25.33 23.30 -7.18
CA SER B 28 -26.33 22.24 -7.22
C SER B 28 -25.83 21.09 -8.07
N GLY B 29 -26.23 19.87 -7.70
CA GLY B 29 -25.82 18.68 -8.42
C GLY B 29 -24.55 18.03 -7.93
N PHE B 30 -23.85 18.65 -6.98
CA PHE B 30 -22.61 18.08 -6.44
C PHE B 30 -22.38 18.67 -5.05
N ASN B 31 -21.28 18.26 -4.43
CA ASN B 31 -20.92 18.70 -3.08
C ASN B 31 -19.72 19.63 -3.17
N VAL B 32 -19.79 20.74 -2.43
CA VAL B 32 -18.70 21.71 -2.44
C VAL B 32 -17.43 21.10 -1.83
N SER B 33 -17.58 20.31 -0.77
CA SER B 33 -16.41 19.75 -0.09
C SER B 33 -15.66 18.74 -0.94
N SER B 34 -16.29 18.18 -1.97
CA SER B 34 -15.64 17.16 -2.79
C SER B 34 -14.90 17.74 -3.99
N TYR B 35 -15.00 19.05 -4.23
CA TYR B 35 -14.38 19.67 -5.38
C TYR B 35 -13.78 21.02 -4.99
N TYR B 36 -12.99 21.58 -5.90
CA TYR B 36 -12.42 22.90 -5.72
C TYR B 36 -13.37 23.96 -6.24
N ILE B 37 -13.30 25.16 -5.66
CA ILE B 37 -14.07 26.31 -6.09
C ILE B 37 -13.13 27.48 -6.30
N HIS B 38 -13.22 28.11 -7.46
CA HIS B 38 -12.35 29.21 -7.82
C HIS B 38 -13.17 30.42 -8.28
N TRP B 39 -12.61 31.60 -8.09
CA TRP B 39 -13.21 32.85 -8.53
C TRP B 39 -12.34 33.47 -9.61
N VAL B 40 -12.93 33.80 -10.75
CA VAL B 40 -12.21 34.32 -11.90
C VAL B 40 -12.83 35.66 -12.29
N ARG B 41 -11.98 36.66 -12.52
CA ARG B 41 -12.41 38.00 -12.89
C ARG B 41 -12.26 38.21 -14.39
N GLN B 42 -13.22 38.92 -14.97
CA GLN B 42 -13.18 39.28 -16.39
C GLN B 42 -13.50 40.77 -16.49
N ALA B 43 -12.47 41.59 -16.55
CA ALA B 43 -12.66 43.03 -16.65
C ALA B 43 -13.23 43.39 -18.02
N PRO B 44 -13.99 44.49 -18.10
CA PRO B 44 -14.54 44.91 -19.40
C PRO B 44 -13.44 45.24 -20.39
N GLY B 45 -13.40 44.50 -21.50
CA GLY B 45 -12.38 44.69 -22.50
C GLY B 45 -11.07 43.99 -22.24
N LYS B 46 -11.00 43.16 -21.21
CA LYS B 46 -9.79 42.43 -20.85
C LYS B 46 -10.07 40.93 -20.84
N GLY B 47 -9.06 40.14 -20.45
CA GLY B 47 -9.17 38.71 -20.40
C GLY B 47 -9.46 38.19 -19.00
N LEU B 48 -9.58 36.87 -18.90
CA LEU B 48 -9.85 36.22 -17.64
C LEU B 48 -8.66 36.37 -16.69
N GLU B 49 -8.96 36.63 -15.42
CA GLU B 49 -7.93 36.78 -14.39
C GLU B 49 -8.36 36.03 -13.14
N TRP B 50 -7.46 35.21 -12.61
CA TRP B 50 -7.73 34.47 -11.39
C TRP B 50 -7.71 35.40 -10.18
N VAL B 51 -8.56 35.09 -9.20
CA VAL B 51 -8.68 35.92 -8.01
C VAL B 51 -8.31 35.12 -6.77
N ALA B 52 -9.05 34.05 -6.50
CA ALA B 52 -8.81 33.24 -5.31
C ALA B 52 -9.39 31.86 -5.50
N SER B 53 -8.98 30.94 -4.63
CA SER B 53 -9.47 29.56 -4.66
C SER B 53 -9.51 29.02 -3.25
N ILE B 54 -10.31 27.98 -3.05
CA ILE B 54 -10.44 27.35 -1.74
C ILE B 54 -10.86 25.90 -1.94
N SER B 55 -10.49 25.04 -0.99
CA SER B 55 -10.92 23.65 -0.95
C SER B 55 -11.49 23.36 0.43
N SER B 56 -12.74 22.92 0.46
CA SER B 56 -13.38 22.62 1.73
C SER B 56 -12.88 21.30 2.29
N SER B 57 -13.09 21.12 3.59
CA SER B 57 -12.72 19.90 4.31
C SER B 57 -11.20 19.71 4.35
N SER B 58 -10.45 20.71 3.86
CA SER B 58 -9.00 20.67 3.90
C SER B 58 -8.35 21.95 4.37
N GLY B 59 -9.02 23.09 4.29
CA GLY B 59 -8.46 24.35 4.72
C GLY B 59 -7.53 25.01 3.72
N SER B 60 -7.32 24.41 2.56
CA SER B 60 -6.44 25.00 1.56
C SER B 60 -7.05 26.27 0.98
N THR B 61 -6.26 27.34 0.94
CA THR B 61 -6.72 28.63 0.45
C THR B 61 -5.60 29.29 -0.34
N SER B 62 -5.97 29.94 -1.44
CA SER B 62 -5.00 30.60 -2.32
C SER B 62 -5.56 31.94 -2.79
N TYR B 63 -4.65 32.86 -3.07
CA TYR B 63 -5.01 34.18 -3.59
C TYR B 63 -3.97 34.62 -4.60
N ALA B 64 -4.32 35.64 -5.37
CA ALA B 64 -3.38 36.25 -6.30
C ALA B 64 -2.58 37.34 -5.58
N ASP B 65 -1.55 37.84 -6.26
CA ASP B 65 -0.65 38.83 -5.65
C ASP B 65 -1.40 40.11 -5.28
N SER B 66 -2.29 40.56 -6.16
CA SER B 66 -3.06 41.78 -5.91
C SER B 66 -4.30 41.54 -5.06
N VAL B 67 -4.56 40.30 -4.65
CA VAL B 67 -5.75 39.96 -3.88
C VAL B 67 -5.38 39.71 -2.43
N LYS B 68 -4.12 39.32 -2.19
CA LYS B 68 -3.68 39.02 -0.83
C LYS B 68 -3.80 40.24 0.07
N GLY B 69 -4.38 40.03 1.25
CA GLY B 69 -4.52 41.08 2.24
C GLY B 69 -5.78 41.92 2.12
N ARG B 70 -6.58 41.72 1.07
CA ARG B 70 -7.80 42.49 0.88
C ARG B 70 -9.05 41.62 0.86
N PHE B 71 -9.05 40.54 0.09
CA PHE B 71 -10.24 39.71 -0.09
C PHE B 71 -10.09 38.41 0.69
N THR B 72 -11.22 37.83 1.07
CA THR B 72 -11.26 36.57 1.79
C THR B 72 -12.28 35.65 1.15
N ILE B 73 -11.99 34.35 1.17
CA ILE B 73 -12.85 33.34 0.55
C ILE B 73 -13.11 32.24 1.57
N SER B 74 -14.37 31.83 1.68
CA SER B 74 -14.78 30.76 2.58
C SER B 74 -15.79 29.88 1.88
N ALA B 75 -16.19 28.80 2.54
CA ALA B 75 -17.18 27.88 1.99
C ALA B 75 -18.07 27.36 3.11
N ASP B 76 -19.29 26.98 2.75
CA ASP B 76 -20.25 26.41 3.69
C ASP B 76 -20.76 25.10 3.08
N THR B 77 -20.28 23.98 3.62
CA THR B 77 -20.73 22.68 3.16
C THR B 77 -22.21 22.45 3.48
N SER B 78 -22.64 22.86 4.67
CA SER B 78 -24.05 22.71 5.04
C SER B 78 -24.95 23.50 4.10
N LYS B 79 -24.55 24.73 3.77
CA LYS B 79 -25.27 25.53 2.80
C LYS B 79 -24.81 25.28 1.36
N ASN B 80 -23.72 24.53 1.17
CA ASN B 80 -23.17 24.23 -0.15
C ASN B 80 -22.94 25.50 -0.96
N THR B 81 -22.36 26.52 -0.31
CA THR B 81 -22.23 27.83 -0.92
C THR B 81 -20.82 28.37 -0.69
N ALA B 82 -20.16 28.79 -1.76
CA ALA B 82 -18.91 29.53 -1.63
C ALA B 82 -19.20 30.99 -1.36
N TYR B 83 -18.32 31.63 -0.59
CA TYR B 83 -18.53 32.98 -0.10
C TYR B 83 -17.26 33.78 -0.33
N LEU B 84 -17.41 35.01 -0.83
CA LEU B 84 -16.27 35.88 -1.11
C LEU B 84 -16.56 37.26 -0.54
N GLN B 85 -15.73 37.70 0.39
CA GLN B 85 -15.86 39.01 1.02
C GLN B 85 -14.71 39.90 0.57
N MET B 86 -15.03 41.03 -0.04
CA MET B 86 -14.03 41.93 -0.60
C MET B 86 -14.07 43.26 0.13
N ASN B 87 -12.90 43.69 0.62
CA ASN B 87 -12.76 44.93 1.37
C ASN B 87 -11.77 45.84 0.67
N SER B 88 -11.82 47.13 1.03
CA SER B 88 -10.94 48.15 0.48
C SER B 88 -11.01 48.18 -1.04
N LEU B 89 -12.24 48.29 -1.56
CA LEU B 89 -12.46 48.20 -2.99
C LEU B 89 -11.91 49.42 -3.71
N ARG B 90 -11.43 49.20 -4.94
CA ARG B 90 -10.87 50.26 -5.77
C ARG B 90 -11.49 50.19 -7.15
N ALA B 91 -11.14 51.17 -7.98
CA ALA B 91 -11.77 51.30 -9.30
C ALA B 91 -11.38 50.15 -10.22
N GLU B 92 -10.23 49.53 -10.00
CA GLU B 92 -9.76 48.48 -10.89
C GLU B 92 -10.42 47.15 -10.59
N ASP B 93 -11.25 47.10 -9.55
CA ASP B 93 -11.89 45.86 -9.12
C ASP B 93 -13.17 45.55 -9.88
N THR B 94 -13.61 46.42 -10.78
CA THR B 94 -14.84 46.17 -11.53
C THR B 94 -14.59 45.13 -12.60
N ALA B 95 -15.40 44.08 -12.61
CA ALA B 95 -15.28 42.98 -13.56
C ALA B 95 -16.54 42.13 -13.47
N VAL B 96 -16.57 41.06 -14.27
CA VAL B 96 -17.66 40.09 -14.25
C VAL B 96 -17.13 38.85 -13.55
N TYR B 97 -17.44 38.70 -12.26
CA TYR B 97 -16.91 37.61 -11.48
C TYR B 97 -17.54 36.28 -11.89
N TYR B 98 -16.72 35.24 -11.97
CA TYR B 98 -17.16 33.90 -12.34
C TYR B 98 -16.84 32.93 -11.22
N CYS B 99 -17.70 31.95 -11.03
CA CYS B 99 -17.49 30.86 -10.08
C CYS B 99 -17.32 29.56 -10.86
N ALA B 100 -16.21 28.88 -10.64
CA ALA B 100 -15.86 27.69 -11.41
C ALA B 100 -15.65 26.50 -10.47
N ARG B 101 -15.72 25.31 -11.06
CA ARG B 101 -15.54 24.06 -10.34
C ARG B 101 -14.44 23.25 -11.00
N SER B 102 -13.76 22.44 -10.21
CA SER B 102 -12.67 21.62 -10.71
C SER B 102 -12.42 20.49 -9.72
N GLY B 103 -11.55 19.56 -10.13
CA GLY B 103 -11.19 18.44 -9.29
C GLY B 103 -10.04 18.76 -8.35
N TYR B 104 -9.00 17.94 -8.37
CA TYR B 104 -7.84 18.13 -7.53
C TYR B 104 -6.58 18.23 -8.39
N TYR B 105 -5.47 18.60 -7.74
CA TYR B 105 -4.25 18.92 -8.45
C TYR B 105 -3.35 17.71 -8.69
N TRP B 106 -3.19 16.85 -7.68
CA TRP B 106 -2.34 15.67 -7.78
C TRP B 106 -0.94 16.04 -8.24
N GLY B 107 -0.50 15.46 -9.36
CA GLY B 107 0.80 15.77 -9.93
C GLY B 107 0.68 16.77 -11.06
N PRO B 108 1.02 16.34 -12.28
CA PRO B 108 0.89 17.21 -13.46
C PRO B 108 -0.45 17.13 -14.17
N TYR B 109 -1.41 16.38 -13.63
CA TYR B 109 -2.74 16.24 -14.22
C TYR B 109 -3.75 16.93 -13.32
N PHE B 110 -4.55 17.84 -13.90
CA PHE B 110 -5.50 18.64 -13.14
C PHE B 110 -6.95 18.32 -13.47
N GLY B 111 -7.32 18.37 -14.74
CA GLY B 111 -8.70 18.20 -15.17
C GLY B 111 -9.38 19.48 -15.60
N GLY B 112 -8.80 20.64 -15.31
CA GLY B 112 -9.32 21.89 -15.80
C GLY B 112 -10.51 22.40 -15.01
N PHE B 113 -10.96 23.60 -15.41
CA PHE B 113 -12.14 24.23 -14.81
C PHE B 113 -13.36 23.82 -15.63
N ASP B 114 -14.05 22.77 -15.19
CA ASP B 114 -15.24 22.29 -15.87
C ASP B 114 -16.49 22.82 -15.17
N TYR B 115 -17.58 22.90 -15.93
CA TYR B 115 -18.87 23.36 -15.44
C TYR B 115 -18.76 24.79 -14.88
N TRP B 116 -18.43 25.71 -15.77
CA TRP B 116 -18.36 27.12 -15.40
C TRP B 116 -19.73 27.67 -15.05
N GLY B 117 -19.77 28.58 -14.08
CA GLY B 117 -21.00 29.24 -13.70
C GLY B 117 -21.26 30.46 -14.55
N GLN B 118 -22.30 31.20 -14.16
CA GLN B 118 -22.68 32.42 -14.86
C GLN B 118 -21.79 33.57 -14.37
N GLY B 119 -22.12 34.79 -14.78
CA GLY B 119 -21.35 35.96 -14.41
C GLY B 119 -22.17 36.93 -13.58
N THR B 120 -21.47 37.64 -12.69
CA THR B 120 -22.09 38.67 -11.87
C THR B 120 -21.28 39.96 -12.00
N LEU B 121 -21.99 41.09 -12.05
CA LEU B 121 -21.37 42.37 -12.33
C LEU B 121 -21.10 43.13 -11.03
N VAL B 122 -19.90 43.71 -10.93
CA VAL B 122 -19.52 44.55 -9.81
C VAL B 122 -19.05 45.88 -10.37
N THR B 123 -19.61 46.98 -9.87
CA THR B 123 -19.30 48.32 -10.36
C THR B 123 -18.81 49.15 -9.18
N VAL B 124 -17.51 49.46 -9.18
CA VAL B 124 -16.91 50.26 -8.11
C VAL B 124 -16.57 51.64 -8.65
N SER B 125 -17.46 52.60 -8.42
CA SER B 125 -17.25 53.97 -8.87
C SER B 125 -17.98 54.92 -7.94
N SER B 126 -17.55 56.18 -7.95
CA SER B 126 -18.15 57.21 -7.10
C SER B 126 -19.19 58.00 -7.88
N ILE C 3 4.66 31.33 -13.97
CA ILE C 3 4.40 32.66 -13.44
C ILE C 3 4.00 33.60 -14.56
N GLN C 4 4.69 33.51 -15.69
CA GLN C 4 4.41 34.31 -16.86
C GLN C 4 3.95 33.42 -18.00
N MET C 5 2.82 33.79 -18.62
CA MET C 5 2.21 32.99 -19.67
C MET C 5 1.98 33.88 -20.88
N THR C 6 2.38 33.40 -22.06
CA THR C 6 2.30 34.21 -23.28
C THR C 6 1.64 33.39 -24.39
N GLN C 7 0.47 33.83 -24.84
CA GLN C 7 -0.19 33.23 -26.00
C GLN C 7 0.35 33.94 -27.24
N SER C 8 1.10 33.22 -28.07
CA SER C 8 1.86 33.89 -29.13
C SER C 8 1.00 34.62 -30.15
N PRO C 9 -0.07 34.02 -30.75
CA PRO C 9 -0.72 34.70 -31.87
C PRO C 9 -1.40 36.01 -31.49
N SER C 10 -2.27 35.97 -30.49
CA SER C 10 -3.06 37.09 -29.98
C SER C 10 -4.10 37.57 -30.97
N SER C 11 -4.12 37.03 -32.19
CA SER C 11 -5.09 37.38 -33.23
C SER C 11 -4.90 36.41 -34.38
N LEU C 12 -6.02 36.00 -34.99
CA LEU C 12 -5.95 35.05 -36.09
C LEU C 12 -7.18 35.23 -36.97
N SER C 13 -6.97 35.12 -38.28
CA SER C 13 -8.05 35.27 -39.26
C SER C 13 -7.94 34.12 -40.26
N ALA C 14 -8.87 33.17 -40.19
CA ALA C 14 -8.86 32.01 -41.06
C ALA C 14 -10.27 31.77 -41.59
N SER C 15 -10.34 31.16 -42.77
CA SER C 15 -11.61 30.83 -43.39
C SER C 15 -12.11 29.48 -42.86
N VAL C 16 -13.26 29.05 -43.37
CA VAL C 16 -13.85 27.79 -42.94
C VAL C 16 -13.09 26.63 -43.57
N GLY C 17 -12.63 25.71 -42.73
CA GLY C 17 -11.89 24.54 -43.18
C GLY C 17 -10.38 24.65 -43.03
N ASP C 18 -9.86 25.85 -42.76
CA ASP C 18 -8.43 26.03 -42.60
C ASP C 18 -7.97 25.56 -41.23
N ARG C 19 -6.83 24.89 -41.19
CA ARG C 19 -6.26 24.46 -39.92
C ARG C 19 -5.83 25.66 -39.10
N VAL C 20 -6.12 25.63 -37.80
CA VAL C 20 -5.82 26.72 -36.88
C VAL C 20 -4.88 26.18 -35.80
N THR C 21 -3.78 26.89 -35.58
CA THR C 21 -2.79 26.50 -34.59
C THR C 21 -2.55 27.67 -33.64
N ILE C 22 -2.71 27.42 -32.34
CA ILE C 22 -2.49 28.44 -31.32
C ILE C 22 -1.52 27.86 -30.29
N THR C 23 -0.42 28.56 -30.05
CA THR C 23 0.59 28.05 -29.12
C THR C 23 0.83 29.03 -27.98
N CYS C 24 1.19 28.44 -26.84
CA CYS C 24 1.30 29.09 -25.54
C CYS C 24 2.65 28.76 -24.95
N ARG C 25 3.31 29.77 -24.37
CA ARG C 25 4.63 29.63 -23.76
C ARG C 25 4.53 29.93 -22.28
N ALA C 26 5.17 29.07 -21.48
CA ALA C 26 5.15 29.18 -20.03
C ALA C 26 6.57 29.29 -19.49
N SER C 27 6.72 30.06 -18.42
CA SER C 27 8.02 30.19 -17.77
C SER C 27 8.48 28.85 -17.20
N GLN C 28 7.57 28.13 -16.56
CA GLN C 28 7.88 26.81 -16.02
C GLN C 28 6.64 25.94 -16.08
N SER C 29 6.83 24.66 -16.39
CA SER C 29 5.73 23.71 -16.46
C SER C 29 6.11 22.36 -15.86
N VAL C 30 6.99 22.36 -14.85
CA VAL C 30 7.47 21.11 -14.29
C VAL C 30 6.34 20.37 -13.56
N SER C 31 5.59 21.09 -12.73
CA SER C 31 4.52 20.51 -11.92
C SER C 31 3.26 21.35 -12.01
N SER C 32 2.90 21.76 -13.23
CA SER C 32 1.69 22.53 -13.46
C SER C 32 1.04 22.08 -14.76
N ALA C 33 -0.28 21.92 -14.72
CA ALA C 33 -1.03 21.48 -15.88
C ALA C 33 -1.51 22.66 -16.71
N VAL C 34 -1.71 22.41 -18.00
CA VAL C 34 -2.12 23.45 -18.95
C VAL C 34 -3.47 23.03 -19.55
N ALA C 35 -4.41 23.97 -19.55
CA ALA C 35 -5.75 23.75 -20.08
C ALA C 35 -6.08 24.80 -21.12
N TRP C 36 -6.95 24.43 -22.04
CA TRP C 36 -7.41 25.30 -23.12
C TRP C 36 -8.92 25.41 -23.06
N TYR C 37 -9.41 26.64 -22.95
CA TYR C 37 -10.83 26.95 -22.87
C TYR C 37 -11.25 27.80 -24.05
N GLN C 38 -12.55 27.75 -24.37
CA GLN C 38 -13.13 28.57 -25.42
C GLN C 38 -14.26 29.41 -24.83
N GLN C 39 -14.24 30.72 -25.11
CA GLN C 39 -15.25 31.64 -24.61
C GLN C 39 -15.78 32.46 -25.78
N LYS C 40 -17.10 32.50 -25.91
CA LYS C 40 -17.78 33.32 -26.90
C LYS C 40 -18.10 34.69 -26.31
N PRO C 41 -18.29 35.70 -27.15
CA PRO C 41 -18.59 37.04 -26.63
C PRO C 41 -19.88 37.05 -25.84
N GLY C 42 -19.77 37.35 -24.54
CA GLY C 42 -20.90 37.41 -23.65
C GLY C 42 -21.25 36.10 -22.97
N LYS C 43 -20.60 35.00 -23.34
CA LYS C 43 -20.88 33.70 -22.77
C LYS C 43 -19.73 33.25 -21.87
N ALA C 44 -20.07 32.43 -20.89
CA ALA C 44 -19.05 31.90 -19.99
C ALA C 44 -18.15 30.92 -20.74
N PRO C 45 -16.86 30.87 -20.42
CA PRO C 45 -15.97 29.95 -21.13
C PRO C 45 -16.30 28.49 -20.83
N LYS C 46 -16.00 27.64 -21.80
CA LYS C 46 -16.21 26.20 -21.69
C LYS C 46 -14.88 25.47 -21.89
N LEU C 47 -14.66 24.43 -21.09
CA LEU C 47 -13.42 23.69 -21.16
C LEU C 47 -13.34 22.87 -22.45
N LEU C 48 -12.20 22.95 -23.12
CA LEU C 48 -11.94 22.16 -24.32
C LEU C 48 -10.89 21.09 -24.10
N ILE C 49 -9.71 21.47 -23.61
CA ILE C 49 -8.59 20.55 -23.43
C ILE C 49 -8.10 20.67 -22.00
N TYR C 50 -7.90 19.53 -21.34
CA TYR C 50 -7.36 19.51 -19.99
C TYR C 50 -6.14 18.59 -19.93
N SER C 51 -5.23 18.90 -19.02
CA SER C 51 -3.96 18.20 -18.82
C SER C 51 -3.04 18.30 -20.03
N ALA C 52 -3.34 19.22 -20.97
CA ALA C 52 -2.54 19.55 -22.15
C ALA C 52 -2.50 18.43 -23.18
N SER C 53 -3.05 17.26 -22.89
CA SER C 53 -3.08 16.17 -23.85
C SER C 53 -4.47 15.58 -24.03
N SER C 54 -5.27 15.50 -22.97
CA SER C 54 -6.58 14.90 -23.03
C SER C 54 -7.62 15.94 -23.45
N LEU C 55 -8.71 15.46 -24.02
CA LEU C 55 -9.81 16.31 -24.46
C LEU C 55 -11.04 16.03 -23.62
N TYR C 56 -11.80 17.08 -23.32
CA TYR C 56 -13.01 16.94 -22.52
C TYR C 56 -14.07 16.16 -23.31
N SER C 57 -14.89 15.42 -22.58
CA SER C 57 -15.94 14.64 -23.22
C SER C 57 -17.03 15.56 -23.77
N GLY C 58 -17.49 15.24 -24.99
CA GLY C 58 -18.58 15.95 -25.62
C GLY C 58 -18.16 16.96 -26.67
N VAL C 59 -16.90 17.38 -26.68
CA VAL C 59 -16.43 18.35 -27.68
C VAL C 59 -16.10 17.61 -28.96
N PRO C 60 -16.13 18.27 -30.11
CA PRO C 60 -15.73 17.62 -31.36
C PRO C 60 -14.29 17.13 -31.28
N SER C 61 -14.03 16.02 -31.98
CA SER C 61 -12.70 15.42 -32.01
C SER C 61 -11.68 16.25 -32.79
N ARG C 62 -12.12 17.31 -33.47
CA ARG C 62 -11.19 18.13 -34.25
C ARG C 62 -10.14 18.78 -33.36
N PHE C 63 -10.54 19.27 -32.19
CA PHE C 63 -9.60 19.92 -31.29
C PHE C 63 -8.57 18.93 -30.79
N SER C 64 -7.29 19.31 -30.87
CA SER C 64 -6.21 18.45 -30.43
C SER C 64 -5.22 19.28 -29.63
N GLY C 65 -4.63 18.67 -28.61
CA GLY C 65 -3.64 19.31 -27.76
C GLY C 65 -2.32 18.58 -27.83
N SER C 66 -1.23 19.34 -27.77
CA SER C 66 0.11 18.78 -27.81
C SER C 66 1.04 19.60 -26.93
N ARG C 67 2.12 18.97 -26.49
CA ARG C 67 3.11 19.61 -25.63
C ARG C 67 4.50 19.32 -26.17
N SER C 68 5.35 20.35 -26.23
CA SER C 68 6.73 20.22 -26.68
C SER C 68 7.58 21.16 -25.82
N GLY C 69 8.32 20.59 -24.88
CA GLY C 69 9.13 21.41 -23.98
C GLY C 69 8.23 22.30 -23.14
N THR C 70 8.48 23.60 -23.22
CA THR C 70 7.66 24.60 -22.52
C THR C 70 6.55 25.16 -23.39
N ASP C 71 6.37 24.64 -24.60
CA ASP C 71 5.35 25.11 -25.53
C ASP C 71 4.15 24.17 -25.51
N PHE C 72 2.96 24.74 -25.55
CA PHE C 72 1.71 23.97 -25.57
C PHE C 72 0.88 24.43 -26.75
N THR C 73 0.45 23.48 -27.57
CA THR C 73 -0.17 23.76 -28.86
C THR C 73 -1.60 23.23 -28.88
N LEU C 74 -2.52 24.05 -29.40
CA LEU C 74 -3.90 23.64 -29.65
C LEU C 74 -4.16 23.76 -31.14
N THR C 75 -4.65 22.67 -31.75
CA THR C 75 -4.86 22.61 -33.18
C THR C 75 -6.31 22.26 -33.49
N ILE C 76 -6.88 22.96 -34.47
CA ILE C 76 -8.19 22.66 -35.01
C ILE C 76 -8.02 22.30 -36.48
N SER C 77 -8.44 21.09 -36.85
CA SER C 77 -8.25 20.62 -38.22
C SER C 77 -9.12 21.40 -39.19
N SER C 78 -10.43 21.34 -39.01
CA SER C 78 -11.39 22.05 -39.84
C SER C 78 -12.08 23.11 -39.01
N LEU C 79 -12.02 24.36 -39.48
CA LEU C 79 -12.61 25.49 -38.77
C LEU C 79 -14.09 25.57 -39.13
N GLN C 80 -14.94 25.06 -38.24
CA GLN C 80 -16.37 25.10 -38.46
C GLN C 80 -16.90 26.52 -38.31
N PRO C 81 -18.04 26.84 -38.91
CA PRO C 81 -18.60 28.20 -38.78
C PRO C 81 -18.96 28.57 -37.35
N GLU C 82 -19.13 27.59 -36.46
CA GLU C 82 -19.45 27.85 -35.06
C GLU C 82 -18.22 27.79 -34.15
N ASP C 83 -17.02 27.74 -34.73
CA ASP C 83 -15.79 27.65 -33.96
C ASP C 83 -15.06 28.99 -33.87
N PHE C 84 -15.76 30.10 -34.05
CA PHE C 84 -15.16 31.43 -33.99
C PHE C 84 -15.43 32.02 -32.62
N ALA C 85 -14.39 32.05 -31.78
CA ALA C 85 -14.50 32.57 -30.42
C ALA C 85 -13.10 32.90 -29.93
N THR C 86 -12.97 33.17 -28.63
CA THR C 86 -11.69 33.52 -28.02
C THR C 86 -11.17 32.32 -27.22
N TYR C 87 -9.92 31.94 -27.47
CA TYR C 87 -9.33 30.78 -26.85
C TYR C 87 -8.35 31.22 -25.76
N TYR C 88 -8.49 30.63 -24.58
CA TYR C 88 -7.70 31.00 -23.41
C TYR C 88 -6.84 29.83 -22.97
N CYS C 89 -5.57 30.12 -22.69
CA CYS C 89 -4.60 29.13 -22.26
C CYS C 89 -4.28 29.38 -20.80
N GLN C 90 -4.46 28.35 -19.96
CA GLN C 90 -4.37 28.50 -18.51
C GLN C 90 -3.35 27.51 -17.95
N GLN C 91 -2.55 27.99 -17.00
CA GLN C 91 -1.62 27.16 -16.24
C GLN C 91 -2.17 27.03 -14.83
N SER C 92 -2.44 25.79 -14.40
CA SER C 92 -3.06 25.53 -13.12
C SER C 92 -2.06 24.88 -12.17
N SER C 93 -1.96 25.43 -10.97
CA SER C 93 -1.09 24.88 -9.94
C SER C 93 -1.58 25.36 -8.59
N SER C 94 -1.13 24.70 -7.54
CA SER C 94 -1.51 25.09 -6.19
C SER C 94 -0.91 26.45 -5.85
N SER C 95 -1.72 27.31 -5.22
CA SER C 95 -1.37 28.64 -4.75
C SER C 95 -1.03 29.61 -5.88
N LEU C 96 -1.17 29.22 -7.14
CA LEU C 96 -0.86 30.12 -8.25
C LEU C 96 -1.56 29.62 -9.50
N ILE C 97 -2.46 30.43 -10.05
CA ILE C 97 -3.15 30.12 -11.30
C ILE C 97 -3.03 31.32 -12.22
N THR C 98 -2.57 31.10 -13.45
CA THR C 98 -2.36 32.17 -14.41
C THR C 98 -3.10 31.83 -15.70
N PHE C 99 -3.76 32.83 -16.27
CA PHE C 99 -4.53 32.67 -17.50
C PHE C 99 -3.80 33.35 -18.66
N GLY C 100 -4.21 32.99 -19.88
CA GLY C 100 -3.69 33.61 -21.07
C GLY C 100 -4.52 34.81 -21.49
N GLN C 101 -4.29 35.24 -22.74
CA GLN C 101 -5.00 36.40 -23.26
C GLN C 101 -5.02 36.33 -24.78
N GLY C 102 -5.94 37.08 -25.38
CA GLY C 102 -6.00 37.21 -26.82
C GLY C 102 -6.37 35.91 -27.51
N THR C 103 -5.84 35.75 -28.73
CA THR C 103 -6.08 34.59 -29.59
C THR C 103 -7.57 34.40 -29.85
N LYS C 104 -8.16 35.39 -30.51
CA LYS C 104 -9.56 35.37 -30.92
C LYS C 104 -9.61 35.04 -32.42
N VAL C 105 -10.15 33.85 -32.74
CA VAL C 105 -10.27 33.45 -34.13
C VAL C 105 -11.47 34.15 -34.75
N GLU C 106 -11.25 34.80 -35.89
CA GLU C 106 -12.31 35.54 -36.57
C GLU C 106 -12.34 35.14 -38.04
N ILE C 107 -13.51 35.30 -38.66
CA ILE C 107 -13.67 34.96 -40.07
C ILE C 107 -12.90 35.94 -40.93
N LYS C 108 -12.54 35.49 -42.13
CA LYS C 108 -11.79 36.33 -43.07
C LYS C 108 -12.51 36.43 -44.41
N1 UDP D . -6.20 -11.79 -5.30
C2 UDP D . -6.15 -11.44 -6.63
N3 UDP D . -5.98 -12.48 -7.50
C4 UDP D . -5.87 -13.82 -7.18
C5 UDP D . -5.93 -14.11 -5.78
C6 UDP D . -6.10 -13.11 -4.90
O2 UDP D . -6.23 -10.28 -7.02
O4 UDP D . -5.71 -14.65 -8.08
C1' UDP D . -6.38 -10.72 -4.31
C2' UDP D . -7.32 -11.10 -3.16
O2' UDP D . -8.66 -10.79 -3.49
C3' UDP D . -6.78 -10.21 -2.04
C4' UDP D . -5.27 -10.20 -2.31
O4' UDP D . -5.13 -10.44 -3.73
O3' UDP D . -7.32 -8.90 -2.10
C5' UDP D . -4.48 -11.21 -1.54
O5' UDP D . -5.13 -12.49 -1.61
PA UDP D . -5.24 -13.44 -0.35
O1A UDP D . -5.47 -14.81 -0.85
O2A UDP D . -6.24 -12.89 0.66
O3A UDP D . -3.81 -13.34 0.35
PB UDP D . -3.55 -13.70 1.86
O1B UDP D . -4.36 -14.99 2.05
O2B UDP D . -4.22 -12.56 2.63
O3B UDP D . -2.10 -13.86 2.15
MG MG E . -5.89 -11.41 3.63
#